data_1QYD
#
_entry.id   1QYD
#
_cell.length_a   82.574
_cell.length_b   125.959
_cell.length_c   128.578
_cell.angle_alpha   90.00
_cell.angle_beta   90.00
_cell.angle_gamma   90.00
#
_symmetry.space_group_name_H-M   'P 21 21 21'
#
loop_
_entity.id
_entity.type
_entity.pdbx_description
1 polymer 'pinoresinol-lariciresinol reductase'
2 water water
#
_entity_poly.entity_id   1
_entity_poly.type   'polypeptide(L)'
_entity_poly.pdbx_seq_one_letter_code
;MDKKSRVLIVGGTGYIGKRIVNASISLGHPTYVLFRPEVVSNIDKVQMLLYFKQLGAKLIEASLDDHQRLVDALKQVDVV
ISALAGGVLSHHILEQLKLVEAIKEAGNIKRFLPSEFGMDPDIMEHALQPGSITFIDKRKVRRAIEAASIPYTYVSSNMF
AGYFAGSLAQLDGHMMPPRDKVLIYGDGNVKGIWVDEDDVGTYTIKSIDDPQTLNKTMYIRPPMNILSQKEVIQIWERLS
EQNLDKIYISSQDFLADMKDKSYEEKIVRCHLYQIFFRGDLYNFEIGPNAIEATKLYPEVKYVTMDSYLERYV
;
_entity_poly.pdbx_strand_id   A,B,C,D
#
# COMPACT_ATOMS: atom_id res chain seq x y z
N ASP A 2 -8.43 22.51 -45.22
CA ASP A 2 -7.77 21.21 -45.29
C ASP A 2 -8.54 20.06 -44.61
N LYS A 3 -8.80 20.04 -43.28
CA LYS A 3 -9.41 18.88 -42.61
C LYS A 3 -10.86 18.83 -42.09
N LYS A 4 -11.37 17.58 -41.99
CA LYS A 4 -12.70 17.22 -41.49
C LYS A 4 -12.71 16.66 -40.06
N SER A 5 -12.97 17.51 -39.08
CA SER A 5 -13.10 17.11 -37.69
C SER A 5 -14.29 17.93 -37.23
N ARG A 6 -14.95 17.53 -36.16
CA ARG A 6 -16.13 18.27 -35.80
C ARG A 6 -15.95 18.97 -34.49
N VAL A 7 -15.96 20.30 -34.57
CA VAL A 7 -15.66 21.03 -33.36
C VAL A 7 -16.86 21.76 -32.83
N LEU A 8 -16.89 21.74 -31.53
CA LEU A 8 -17.93 22.39 -30.79
C LEU A 8 -17.22 23.46 -29.98
N ILE A 9 -17.57 24.73 -30.21
CA ILE A 9 -17.02 25.78 -29.38
C ILE A 9 -18.12 26.33 -28.53
N VAL A 10 -17.79 26.26 -27.27
CA VAL A 10 -18.63 26.74 -26.21
C VAL A 10 -17.81 27.89 -25.65
N GLY A 11 -18.37 29.06 -25.34
CA GLY A 11 -17.59 30.24 -24.96
C GLY A 11 -17.29 31.21 -26.13
N GLY A 12 -17.44 30.71 -27.37
CA GLY A 12 -17.17 31.36 -28.67
C GLY A 12 -17.84 32.68 -29.05
N THR A 13 -18.63 33.33 -28.19
CA THR A 13 -18.94 34.71 -28.54
C THR A 13 -17.91 35.58 -27.85
N GLY A 14 -17.10 35.07 -26.91
CA GLY A 14 -16.12 35.84 -26.16
C GLY A 14 -14.94 36.32 -26.98
N TYR A 15 -13.95 36.90 -26.30
CA TYR A 15 -12.79 37.56 -26.92
C TYR A 15 -11.86 36.63 -27.62
N ILE A 16 -11.16 35.65 -27.00
CA ILE A 16 -10.35 34.72 -27.80
C ILE A 16 -11.20 33.68 -28.55
N GLY A 17 -12.40 33.34 -28.03
CA GLY A 17 -13.32 32.39 -28.63
C GLY A 17 -13.65 32.68 -30.09
N LYS A 18 -13.92 33.94 -30.46
CA LYS A 18 -14.20 34.35 -31.82
C LYS A 18 -12.99 34.09 -32.73
N ARG A 19 -11.78 34.06 -32.15
CA ARG A 19 -10.56 33.80 -32.88
C ARG A 19 -10.37 32.35 -33.20
N ILE A 20 -10.71 31.53 -32.19
CA ILE A 20 -10.78 30.08 -32.25
C ILE A 20 -11.87 29.76 -33.27
N VAL A 21 -13.13 30.22 -33.09
CA VAL A 21 -14.22 30.05 -34.05
C VAL A 21 -13.87 30.40 -35.50
N ASN A 22 -13.37 31.58 -35.89
CA ASN A 22 -13.09 31.76 -37.30
C ASN A 22 -11.91 30.91 -37.76
N ALA A 23 -11.04 30.48 -36.86
CA ALA A 23 -9.94 29.59 -37.22
C ALA A 23 -10.48 28.24 -37.70
N SER A 24 -11.42 27.65 -36.94
CA SER A 24 -12.12 26.42 -37.28
C SER A 24 -12.65 26.43 -38.69
N ILE A 25 -13.51 27.43 -38.93
CA ILE A 25 -14.17 27.60 -40.20
C ILE A 25 -13.07 27.78 -41.25
N SER A 26 -12.16 28.76 -41.21
CA SER A 26 -11.11 28.88 -42.23
C SER A 26 -10.06 27.77 -42.39
N LEU A 27 -9.86 26.86 -41.41
CA LEU A 27 -8.93 25.75 -41.57
C LEU A 27 -9.67 24.45 -41.85
N GLY A 28 -10.88 24.55 -42.42
CA GLY A 28 -11.63 23.39 -42.86
C GLY A 28 -12.50 22.66 -41.85
N HIS A 29 -12.62 23.02 -40.56
CA HIS A 29 -13.48 22.30 -39.63
C HIS A 29 -14.95 22.66 -39.72
N PRO A 30 -15.87 21.68 -39.90
CA PRO A 30 -17.30 21.84 -39.59
C PRO A 30 -17.47 22.26 -38.13
N THR A 31 -17.83 23.55 -38.02
CA THR A 31 -17.93 24.18 -36.73
C THR A 31 -19.34 24.49 -36.32
N TYR A 32 -19.51 24.11 -35.05
CA TYR A 32 -20.69 24.22 -34.25
C TYR A 32 -20.35 25.16 -33.11
N VAL A 33 -21.26 26.06 -32.76
CA VAL A 33 -21.05 26.97 -31.66
C VAL A 33 -22.20 26.91 -30.70
N LEU A 34 -21.88 26.32 -29.55
CA LEU A 34 -22.84 26.32 -28.48
C LEU A 34 -22.84 27.69 -27.86
N PHE A 35 -24.08 28.15 -27.80
CA PHE A 35 -24.36 29.35 -27.08
C PHE A 35 -25.54 29.20 -26.17
N ARG A 36 -25.33 29.90 -25.07
CA ARG A 36 -26.14 30.02 -23.89
C ARG A 36 -27.52 30.62 -24.19
N PRO A 37 -28.35 30.96 -23.20
CA PRO A 37 -29.18 32.15 -23.25
C PRO A 37 -28.61 33.43 -22.63
N GLU A 38 -28.28 34.31 -23.59
CA GLU A 38 -27.87 35.72 -23.50
C GLU A 38 -27.82 36.29 -24.91
N VAL A 39 -28.99 36.00 -25.46
CA VAL A 39 -29.51 36.59 -26.66
C VAL A 39 -30.38 37.74 -26.11
N VAL A 40 -30.59 37.73 -24.77
CA VAL A 40 -31.41 38.65 -23.99
C VAL A 40 -30.61 39.92 -23.81
N SER A 41 -31.11 40.80 -24.67
CA SER A 41 -30.66 42.15 -24.95
C SER A 41 -29.28 42.23 -25.60
N ASN A 42 -28.68 41.06 -25.90
CA ASN A 42 -27.39 41.14 -26.49
C ASN A 42 -27.43 40.87 -27.96
N ILE A 43 -27.66 42.01 -28.61
CA ILE A 43 -27.73 42.06 -30.07
C ILE A 43 -26.36 41.78 -30.63
N ASP A 44 -25.36 42.10 -29.82
CA ASP A 44 -23.96 42.03 -30.17
C ASP A 44 -23.43 40.62 -30.31
N LYS A 45 -23.74 39.87 -29.26
CA LYS A 45 -23.50 38.45 -29.18
C LYS A 45 -24.30 37.77 -30.31
N VAL A 46 -25.59 38.10 -30.50
CA VAL A 46 -26.40 37.44 -31.52
C VAL A 46 -25.90 37.68 -32.93
N GLN A 47 -25.58 38.92 -33.30
CA GLN A 47 -25.21 39.25 -34.69
C GLN A 47 -23.91 38.67 -35.13
N MET A 48 -23.13 38.27 -34.12
CA MET A 48 -21.85 37.63 -34.28
C MET A 48 -22.20 36.19 -34.48
N LEU A 49 -23.06 35.60 -33.67
CA LEU A 49 -23.54 34.24 -33.96
C LEU A 49 -24.12 34.15 -35.37
N LEU A 50 -25.02 35.07 -35.73
CA LEU A 50 -25.49 35.16 -37.11
C LEU A 50 -24.38 35.29 -38.15
N TYR A 51 -23.38 36.09 -37.75
CA TYR A 51 -22.17 36.25 -38.56
C TYR A 51 -21.46 34.92 -38.64
N PHE A 52 -21.22 34.25 -37.52
CA PHE A 52 -20.62 32.93 -37.49
C PHE A 52 -21.43 32.01 -38.38
N LYS A 53 -22.77 32.05 -38.28
CA LYS A 53 -23.68 31.20 -39.03
C LYS A 53 -23.66 31.53 -40.50
N GLN A 54 -23.54 32.77 -41.01
CA GLN A 54 -23.46 32.95 -42.48
C GLN A 54 -22.12 32.67 -43.14
N LEU A 55 -21.24 32.07 -42.32
CA LEU A 55 -19.95 31.53 -42.72
C LEU A 55 -20.00 30.01 -42.83
N GLY A 56 -20.98 29.41 -42.15
CA GLY A 56 -21.18 27.99 -42.30
C GLY A 56 -21.26 27.29 -40.96
N ALA A 57 -21.27 28.05 -39.87
CA ALA A 57 -21.39 27.42 -38.58
C ALA A 57 -22.83 27.03 -38.32
N LYS A 58 -22.89 25.99 -37.48
CA LYS A 58 -24.14 25.44 -37.00
C LYS A 58 -24.30 25.95 -35.57
N LEU A 59 -25.46 26.50 -35.16
CA LEU A 59 -25.69 27.01 -33.81
C LEU A 59 -26.58 26.14 -32.91
N ILE A 60 -26.09 25.84 -31.70
CA ILE A 60 -26.72 24.95 -30.75
C ILE A 60 -27.22 25.78 -29.60
N GLU A 61 -28.52 26.01 -29.55
CA GLU A 61 -29.23 26.74 -28.51
C GLU A 61 -28.98 26.44 -27.04
N ALA A 62 -28.50 25.22 -26.80
CA ALA A 62 -28.20 24.65 -25.48
C ALA A 62 -27.68 25.49 -24.34
N SER A 63 -27.96 25.08 -23.10
CA SER A 63 -27.36 25.65 -21.91
C SER A 63 -26.44 24.58 -21.32
N LEU A 64 -25.59 24.92 -20.33
CA LEU A 64 -24.69 23.95 -19.73
C LEU A 64 -25.27 23.07 -18.66
N ASP A 65 -26.40 23.58 -18.13
CA ASP A 65 -27.16 22.92 -17.08
C ASP A 65 -27.99 21.75 -17.57
N ASP A 66 -28.38 21.79 -18.84
CA ASP A 66 -29.12 20.70 -19.44
C ASP A 66 -28.15 19.61 -19.87
N HIS A 67 -27.82 18.76 -18.90
CA HIS A 67 -26.86 17.66 -19.08
C HIS A 67 -27.17 16.73 -20.25
N GLN A 68 -28.46 16.36 -20.36
CA GLN A 68 -28.85 15.48 -21.45
C GLN A 68 -28.76 16.13 -22.81
N ARG A 69 -28.95 17.44 -23.00
CA ARG A 69 -28.80 18.02 -24.33
C ARG A 69 -27.34 18.23 -24.67
N LEU A 70 -26.57 18.47 -23.61
CA LEU A 70 -25.14 18.65 -23.74
C LEU A 70 -24.56 17.37 -24.29
N VAL A 71 -24.86 16.19 -23.69
CA VAL A 71 -24.40 14.90 -24.21
C VAL A 71 -24.90 14.58 -25.60
N ASP A 72 -26.13 15.03 -25.92
CA ASP A 72 -26.70 14.79 -27.23
C ASP A 72 -25.81 15.42 -28.27
N ALA A 73 -25.59 16.72 -27.94
CA ALA A 73 -24.83 17.70 -28.70
C ALA A 73 -23.40 17.24 -29.01
N LEU A 74 -22.73 16.75 -27.95
CA LEU A 74 -21.35 16.30 -27.95
C LEU A 74 -21.16 15.04 -28.73
N LYS A 75 -22.23 14.23 -28.84
CA LYS A 75 -22.17 13.01 -29.62
C LYS A 75 -22.06 13.34 -31.08
N GLN A 76 -22.38 14.56 -31.46
CA GLN A 76 -22.32 14.95 -32.87
C GLN A 76 -20.92 15.38 -33.31
N VAL A 77 -20.07 15.63 -32.31
CA VAL A 77 -18.73 16.11 -32.61
C VAL A 77 -17.54 15.31 -32.03
N ASP A 78 -16.37 15.54 -32.63
CA ASP A 78 -15.09 14.92 -32.28
C ASP A 78 -14.32 15.70 -31.22
N VAL A 79 -14.02 16.96 -31.54
CA VAL A 79 -13.33 17.82 -30.60
C VAL A 79 -14.33 18.76 -29.94
N VAL A 80 -14.10 19.18 -28.69
CA VAL A 80 -14.84 20.24 -28.00
C VAL A 80 -13.80 21.22 -27.43
N ILE A 81 -13.97 22.49 -27.78
CA ILE A 81 -13.08 23.55 -27.32
C ILE A 81 -13.86 24.47 -26.42
N SER A 82 -13.45 24.65 -25.17
CA SER A 82 -14.08 25.63 -24.33
C SER A 82 -13.31 26.95 -24.22
N ALA A 83 -13.91 28.09 -24.60
CA ALA A 83 -13.27 29.40 -24.42
C ALA A 83 -14.10 30.24 -23.46
N LEU A 84 -14.69 29.52 -22.49
CA LEU A 84 -15.56 30.05 -21.46
C LEU A 84 -14.88 30.91 -20.44
N ALA A 85 -15.02 32.25 -20.51
CA ALA A 85 -14.41 33.18 -19.54
C ALA A 85 -14.98 34.61 -19.49
N GLY A 86 -14.87 35.25 -18.33
CA GLY A 86 -15.43 36.59 -18.17
C GLY A 86 -14.79 37.37 -17.04
N GLY A 87 -15.60 37.77 -16.04
CA GLY A 87 -15.19 38.62 -14.93
C GLY A 87 -14.05 38.08 -14.08
N VAL A 88 -14.41 37.87 -12.81
CA VAL A 88 -13.53 37.35 -11.76
C VAL A 88 -12.72 36.09 -12.15
N LEU A 89 -13.09 35.47 -13.31
CA LEU A 89 -12.57 34.24 -13.91
C LEU A 89 -12.80 33.02 -13.00
N SER A 90 -13.99 33.09 -12.39
CA SER A 90 -14.40 32.14 -11.39
C SER A 90 -15.75 31.51 -11.66
N HIS A 91 -16.79 32.36 -11.76
CA HIS A 91 -18.21 32.04 -11.99
C HIS A 91 -18.52 31.26 -13.28
N HIS A 92 -17.59 31.31 -14.22
CA HIS A 92 -17.77 30.79 -15.57
C HIS A 92 -16.69 29.83 -16.01
N ILE A 93 -15.57 29.78 -15.28
CA ILE A 93 -14.51 28.82 -15.54
C ILE A 93 -14.88 27.46 -14.97
N LEU A 94 -15.47 27.44 -13.76
CA LEU A 94 -15.98 26.26 -13.07
C LEU A 94 -17.30 25.64 -13.56
N GLU A 95 -17.88 26.21 -14.63
CA GLU A 95 -19.07 25.73 -15.34
C GLU A 95 -18.67 24.59 -16.24
N GLN A 96 -17.42 24.66 -16.68
CA GLN A 96 -16.76 23.64 -17.48
C GLN A 96 -16.71 22.28 -16.81
N LEU A 97 -16.97 22.17 -15.49
CA LEU A 97 -17.00 20.90 -14.76
C LEU A 97 -18.18 20.04 -15.22
N LYS A 98 -19.34 20.69 -15.36
CA LYS A 98 -20.56 20.22 -16.00
C LYS A 98 -20.23 19.71 -17.39
N LEU A 99 -19.54 20.51 -18.21
CA LEU A 99 -19.06 20.03 -19.51
C LEU A 99 -18.08 18.85 -19.45
N VAL A 100 -17.33 18.60 -18.36
CA VAL A 100 -16.42 17.44 -18.19
C VAL A 100 -17.17 16.16 -17.80
N GLU A 101 -18.17 16.39 -16.95
CA GLU A 101 -19.18 15.44 -16.54
C GLU A 101 -19.94 15.01 -17.81
N ALA A 102 -20.31 15.92 -18.72
CA ALA A 102 -20.99 15.58 -19.96
C ALA A 102 -20.10 14.90 -21.01
N ILE A 103 -18.80 15.10 -20.95
CA ILE A 103 -17.82 14.50 -21.85
C ILE A 103 -17.49 13.09 -21.36
N LYS A 104 -17.37 12.87 -20.04
CA LYS A 104 -17.10 11.58 -19.43
C LYS A 104 -18.18 10.58 -19.81
N GLU A 105 -19.41 11.02 -19.65
CA GLU A 105 -20.60 10.25 -19.96
C GLU A 105 -20.66 9.82 -21.40
N ALA A 106 -20.53 10.75 -22.36
CA ALA A 106 -20.45 10.35 -23.75
C ALA A 106 -19.07 9.68 -23.95
N GLY A 107 -18.68 9.20 -25.13
CA GLY A 107 -17.35 8.60 -25.21
C GLY A 107 -16.64 8.97 -26.47
N ASN A 108 -17.37 9.54 -27.42
CA ASN A 108 -16.80 9.83 -28.72
C ASN A 108 -15.90 11.06 -28.88
N ILE A 109 -15.63 11.86 -27.83
CA ILE A 109 -14.71 13.00 -27.94
C ILE A 109 -13.26 12.52 -27.95
N LYS A 110 -12.58 12.90 -29.05
CA LYS A 110 -11.17 12.61 -29.30
C LYS A 110 -10.22 13.65 -28.71
N ARG A 111 -10.73 14.84 -28.38
CA ARG A 111 -9.99 15.94 -27.78
C ARG A 111 -10.84 17.04 -27.21
N PHE A 112 -10.41 17.40 -26.02
CA PHE A 112 -10.95 18.49 -25.25
C PHE A 112 -9.83 19.45 -24.87
N LEU A 113 -10.06 20.70 -25.29
CA LEU A 113 -9.20 21.86 -25.02
C LEU A 113 -9.95 22.83 -24.10
N PRO A 114 -9.63 22.91 -22.78
CA PRO A 114 -10.27 23.78 -21.77
C PRO A 114 -10.10 25.28 -21.97
N SER A 115 -10.66 26.04 -21.03
CA SER A 115 -10.54 27.49 -21.03
C SER A 115 -9.29 27.84 -20.26
N GLU A 116 -8.21 27.81 -21.05
CA GLU A 116 -6.82 28.09 -20.70
C GLU A 116 -6.52 29.46 -21.32
N PHE A 117 -5.65 29.45 -22.35
CA PHE A 117 -5.21 30.57 -23.17
C PHE A 117 -4.46 31.72 -22.44
N GLY A 118 -3.62 31.32 -21.46
CA GLY A 118 -2.88 32.21 -20.60
C GLY A 118 -1.63 31.57 -19.96
N MET A 119 -1.37 31.97 -18.72
CA MET A 119 -0.20 31.63 -17.91
C MET A 119 0.26 30.22 -17.57
N ASP A 120 -0.67 29.25 -17.56
CA ASP A 120 -0.51 27.83 -17.21
C ASP A 120 -0.57 27.57 -15.69
N PRO A 121 -1.77 27.17 -15.20
CA PRO A 121 -2.08 27.00 -13.81
C PRO A 121 -1.24 26.09 -12.95
N ASP A 122 -0.83 24.92 -13.43
CA ASP A 122 -0.04 24.12 -12.52
C ASP A 122 1.46 24.24 -12.74
N ILE A 123 1.84 25.36 -13.39
CA ILE A 123 3.23 25.78 -13.46
C ILE A 123 3.26 26.77 -12.32
N MET A 124 3.55 26.00 -11.25
CA MET A 124 3.65 26.39 -9.86
C MET A 124 2.45 27.17 -9.32
N GLU A 125 2.27 28.33 -9.96
CA GLU A 125 1.47 29.46 -9.54
C GLU A 125 1.18 29.52 -8.02
N HIS A 126 2.40 29.86 -7.56
CA HIS A 126 3.01 30.26 -6.28
C HIS A 126 2.62 31.70 -5.95
N ALA A 127 1.77 32.20 -6.86
CA ALA A 127 1.24 33.51 -7.04
C ALA A 127 0.64 34.24 -5.88
N LEU A 128 0.83 35.56 -5.98
CA LEU A 128 0.30 36.53 -5.02
C LEU A 128 -1.21 36.46 -5.19
N GLN A 129 -1.96 36.58 -4.10
CA GLN A 129 -3.42 36.57 -4.10
C GLN A 129 -3.93 37.97 -4.51
N PRO A 130 -5.21 38.29 -4.89
CA PRO A 130 -6.39 37.41 -5.04
C PRO A 130 -6.42 36.57 -6.29
N GLY A 131 -5.95 37.19 -7.40
CA GLY A 131 -5.83 36.65 -8.75
C GLY A 131 -5.07 35.34 -8.92
N SER A 132 -4.79 34.70 -7.79
CA SER A 132 -4.31 33.35 -7.63
C SER A 132 -5.48 32.36 -7.87
N ILE A 133 -6.76 32.81 -7.72
CA ILE A 133 -8.04 32.13 -7.96
C ILE A 133 -8.21 31.58 -9.38
N THR A 134 -7.79 32.35 -10.36
CA THR A 134 -7.88 31.95 -11.76
C THR A 134 -7.11 30.66 -11.96
N PHE A 135 -5.91 30.58 -11.37
CA PHE A 135 -5.08 29.44 -11.59
C PHE A 135 -5.57 28.31 -10.69
N ILE A 136 -6.23 28.64 -9.57
CA ILE A 136 -6.85 27.62 -8.72
C ILE A 136 -8.01 26.95 -9.50
N ASP A 137 -8.92 27.79 -10.04
CA ASP A 137 -10.10 27.37 -10.75
C ASP A 137 -9.81 26.45 -11.90
N LYS A 138 -9.02 26.92 -12.85
CA LYS A 138 -8.54 26.18 -14.01
C LYS A 138 -7.82 24.87 -13.68
N ARG A 139 -7.36 24.67 -12.45
CA ARG A 139 -6.70 23.44 -12.10
C ARG A 139 -7.74 22.39 -11.75
N LYS A 140 -8.77 22.79 -11.00
CA LYS A 140 -9.89 21.93 -10.65
C LYS A 140 -10.50 21.26 -11.86
N VAL A 141 -10.61 22.10 -12.89
CA VAL A 141 -11.07 21.75 -14.21
C VAL A 141 -10.06 20.83 -14.87
N ARG A 142 -8.72 21.09 -14.76
CA ARG A 142 -7.67 20.26 -15.33
C ARG A 142 -7.54 18.95 -14.63
N ARG A 143 -7.52 18.93 -13.31
CA ARG A 143 -7.40 17.69 -12.55
C ARG A 143 -8.59 16.74 -12.65
N ALA A 144 -9.80 17.26 -13.00
CA ALA A 144 -11.05 16.53 -13.24
C ALA A 144 -11.13 15.97 -14.64
N ILE A 145 -10.52 16.63 -15.62
CA ILE A 145 -10.41 16.15 -16.99
C ILE A 145 -9.58 14.89 -16.90
N GLU A 146 -8.31 14.95 -16.46
CA GLU A 146 -7.39 13.81 -16.37
C GLU A 146 -7.91 12.68 -15.49
N ALA A 147 -8.70 12.94 -14.44
CA ALA A 147 -9.31 11.91 -13.61
C ALA A 147 -10.17 10.97 -14.41
N ALA A 148 -11.12 11.61 -15.13
CA ALA A 148 -12.05 10.97 -16.05
C ALA A 148 -11.43 10.55 -17.41
N SER A 149 -10.08 10.63 -17.50
CA SER A 149 -9.24 10.32 -18.66
C SER A 149 -9.77 10.67 -20.07
N ILE A 150 -10.00 11.98 -20.14
CA ILE A 150 -10.42 12.69 -21.35
C ILE A 150 -9.13 12.92 -22.15
N PRO A 151 -9.14 13.02 -23.48
CA PRO A 151 -8.01 13.42 -24.30
C PRO A 151 -7.82 14.92 -24.34
N TYR A 152 -6.79 15.47 -23.69
CA TYR A 152 -6.53 16.93 -23.59
C TYR A 152 -5.30 17.55 -24.25
N THR A 153 -5.42 18.86 -24.44
CA THR A 153 -4.33 19.69 -24.91
C THR A 153 -4.59 20.95 -24.16
N TYR A 154 -3.62 21.38 -23.34
CA TYR A 154 -3.79 22.63 -22.61
C TYR A 154 -3.03 23.70 -23.37
N VAL A 155 -3.79 24.60 -23.99
CA VAL A 155 -3.24 25.65 -24.82
C VAL A 155 -2.89 26.86 -23.99
N SER A 156 -1.66 26.83 -23.40
CA SER A 156 -1.05 27.93 -22.65
C SER A 156 -0.40 28.79 -23.72
N SER A 157 -0.97 29.97 -23.91
CA SER A 157 -0.67 30.79 -25.07
C SER A 157 -0.14 32.19 -24.80
N ASN A 158 -0.10 32.54 -23.52
CA ASN A 158 0.48 33.76 -22.95
C ASN A 158 -0.25 35.10 -23.11
N MET A 159 0.41 36.18 -23.53
CA MET A 159 -0.23 37.48 -23.56
C MET A 159 -0.77 37.75 -24.92
N PHE A 160 -2.04 38.18 -24.97
CA PHE A 160 -2.62 38.54 -26.25
C PHE A 160 -2.07 39.95 -26.46
N ALA A 161 -1.54 40.22 -27.65
CA ALA A 161 -0.94 41.50 -27.95
C ALA A 161 -1.91 42.68 -27.85
N GLY A 162 -3.19 42.51 -28.22
CA GLY A 162 -4.18 43.56 -28.06
C GLY A 162 -4.72 43.70 -26.65
N TYR A 163 -3.96 43.25 -25.67
CA TYR A 163 -4.35 43.39 -24.27
C TYR A 163 -3.16 43.90 -23.49
N PHE A 164 -1.93 43.57 -23.94
CA PHE A 164 -0.74 44.01 -23.24
C PHE A 164 0.15 44.88 -24.11
N ALA A 165 0.18 44.74 -25.44
CA ALA A 165 0.99 45.62 -26.29
C ALA A 165 0.24 46.82 -26.83
N GLY A 166 -1.08 46.72 -26.65
CA GLY A 166 -2.01 47.77 -26.99
C GLY A 166 -1.80 48.85 -25.99
N SER A 167 -2.06 48.45 -24.74
CA SER A 167 -1.85 49.26 -23.57
C SER A 167 -0.39 49.57 -23.25
N LEU A 168 0.53 48.73 -23.77
CA LEU A 168 1.99 48.65 -23.49
C LEU A 168 2.25 48.15 -22.06
N ALA A 169 1.15 47.63 -21.49
CA ALA A 169 0.93 47.01 -20.19
C ALA A 169 0.61 47.95 -19.03
N GLN A 170 -0.12 49.04 -19.33
CA GLN A 170 -0.35 50.04 -18.30
C GLN A 170 -1.59 49.94 -17.46
N LEU A 171 -1.27 50.18 -16.19
CA LEU A 171 -2.13 50.11 -15.01
C LEU A 171 -3.43 50.86 -15.09
N ASP A 172 -3.67 51.55 -16.22
CA ASP A 172 -4.83 52.41 -16.40
C ASP A 172 -5.96 51.82 -17.22
N GLY A 173 -5.62 50.75 -17.95
CA GLY A 173 -6.63 50.02 -18.69
C GLY A 173 -6.91 50.58 -20.04
N HIS A 174 -6.26 51.64 -20.51
CA HIS A 174 -6.48 52.16 -21.85
C HIS A 174 -5.94 51.11 -22.79
N MET A 175 -6.58 50.81 -23.92
CA MET A 175 -6.10 49.79 -24.83
C MET A 175 -5.42 50.33 -26.04
N MET A 176 -4.73 51.42 -25.72
CA MET A 176 -3.93 52.16 -26.67
C MET A 176 -2.56 52.46 -26.10
N PRO A 177 -1.48 52.52 -26.89
CA PRO A 177 -0.15 52.86 -26.41
C PRO A 177 -0.16 54.35 -26.09
N PRO A 178 0.26 54.78 -24.91
CA PRO A 178 0.16 56.17 -24.49
C PRO A 178 1.29 57.11 -24.87
N ARG A 179 0.94 58.34 -25.24
CA ARG A 179 1.93 59.39 -25.45
C ARG A 179 2.39 59.95 -24.09
N ASP A 180 3.62 60.49 -24.12
CA ASP A 180 4.41 61.07 -23.02
C ASP A 180 5.00 60.02 -22.07
N LYS A 181 4.24 59.38 -21.16
CA LYS A 181 4.76 58.42 -20.18
C LYS A 181 4.51 56.96 -20.51
N VAL A 182 5.18 56.14 -19.69
CA VAL A 182 5.01 54.71 -19.63
C VAL A 182 5.56 54.30 -18.29
N LEU A 183 4.75 53.57 -17.51
CA LEU A 183 5.21 53.03 -16.24
C LEU A 183 5.90 51.70 -16.56
N ILE A 184 7.16 51.47 -16.09
CA ILE A 184 7.83 50.19 -16.30
C ILE A 184 7.98 49.45 -14.96
N TYR A 185 7.92 48.14 -15.05
CA TYR A 185 7.93 47.32 -13.87
C TYR A 185 9.35 46.86 -13.62
N GLY A 186 9.94 47.64 -12.73
CA GLY A 186 11.27 47.39 -12.22
C GLY A 186 12.35 47.84 -13.17
N ASP A 187 12.79 46.81 -13.87
CA ASP A 187 13.83 46.94 -14.88
C ASP A 187 13.19 46.98 -16.25
N GLY A 188 12.21 46.08 -16.43
CA GLY A 188 11.56 45.88 -17.71
C GLY A 188 12.44 45.05 -18.61
N ASN A 189 13.26 44.16 -18.05
CA ASN A 189 14.14 43.30 -18.85
C ASN A 189 13.71 41.86 -18.90
N VAL A 190 12.89 41.56 -17.88
CA VAL A 190 12.25 40.28 -17.64
C VAL A 190 11.40 40.02 -18.86
N LYS A 191 11.66 38.88 -19.47
CA LYS A 191 11.02 38.46 -20.69
C LYS A 191 9.57 37.98 -20.55
N GLY A 192 8.81 38.39 -21.57
CA GLY A 192 7.40 38.07 -21.73
C GLY A 192 7.14 37.56 -23.16
N ILE A 193 5.94 37.04 -23.41
CA ILE A 193 5.64 36.51 -24.72
C ILE A 193 4.35 37.19 -25.10
N TRP A 194 4.21 37.59 -26.35
CA TRP A 194 3.10 38.43 -26.74
C TRP A 194 2.55 37.80 -28.02
N VAL A 195 1.24 37.45 -28.15
CA VAL A 195 0.70 36.77 -29.33
C VAL A 195 -0.61 37.34 -29.91
N ASP A 196 -0.64 37.49 -31.24
CA ASP A 196 -1.81 38.01 -31.92
C ASP A 196 -2.91 37.00 -31.69
N GLU A 197 -4.08 37.56 -31.38
CA GLU A 197 -5.25 36.75 -31.09
C GLU A 197 -5.63 35.77 -32.20
N ASP A 198 -5.32 36.11 -33.45
CA ASP A 198 -5.51 35.20 -34.54
C ASP A 198 -4.41 34.15 -34.54
N ASP A 199 -3.15 34.38 -34.12
CA ASP A 199 -2.19 33.30 -34.14
C ASP A 199 -2.55 32.24 -33.12
N VAL A 200 -3.15 32.63 -31.96
CA VAL A 200 -3.68 31.73 -30.91
C VAL A 200 -4.84 30.81 -31.37
N GLY A 201 -5.75 31.30 -32.19
CA GLY A 201 -6.84 30.54 -32.73
C GLY A 201 -6.27 29.58 -33.73
N THR A 202 -5.46 30.04 -34.68
CA THR A 202 -4.86 29.22 -35.72
C THR A 202 -4.07 28.06 -35.13
N TYR A 203 -3.27 28.30 -34.09
CA TYR A 203 -2.49 27.26 -33.46
C TYR A 203 -3.34 26.31 -32.61
N THR A 204 -4.54 26.71 -32.12
CA THR A 204 -5.33 25.76 -31.36
C THR A 204 -6.11 24.89 -32.33
N ILE A 205 -6.52 25.32 -33.54
CA ILE A 205 -7.21 24.39 -34.42
C ILE A 205 -6.26 23.43 -35.11
N LYS A 206 -4.97 23.76 -35.13
CA LYS A 206 -3.91 22.87 -35.60
C LYS A 206 -3.43 21.85 -34.54
N SER A 207 -3.63 22.08 -33.22
CA SER A 207 -3.32 21.09 -32.21
C SER A 207 -4.33 19.95 -32.22
N ILE A 208 -5.58 20.37 -32.37
CA ILE A 208 -6.85 19.67 -32.31
C ILE A 208 -6.88 18.18 -32.55
N ASP A 209 -6.34 17.81 -33.71
CA ASP A 209 -6.29 16.42 -34.13
C ASP A 209 -4.88 15.81 -34.03
N ASP A 210 -3.85 16.51 -33.55
CA ASP A 210 -2.48 16.01 -33.57
C ASP A 210 -2.15 14.98 -32.50
N PRO A 211 -1.57 13.83 -32.85
CA PRO A 211 -1.12 12.80 -31.92
C PRO A 211 -0.14 13.25 -30.86
N GLN A 212 0.70 14.19 -31.32
CA GLN A 212 1.71 14.86 -30.53
C GLN A 212 1.16 15.77 -29.43
N THR A 213 0.00 16.45 -29.59
CA THR A 213 -0.48 17.34 -28.55
C THR A 213 -1.41 16.68 -27.55
N LEU A 214 -1.39 15.35 -27.66
CA LEU A 214 -2.19 14.45 -26.86
C LEU A 214 -1.74 14.35 -25.40
N ASN A 215 -2.58 14.91 -24.53
CA ASN A 215 -2.39 15.00 -23.09
C ASN A 215 -1.26 15.91 -22.63
N LYS A 216 -0.62 16.54 -23.62
CA LYS A 216 0.44 17.51 -23.49
C LYS A 216 -0.05 18.95 -23.42
N THR A 217 0.76 19.81 -22.75
CA THR A 217 0.49 21.25 -22.67
C THR A 217 1.12 21.89 -23.91
N MET A 218 0.38 22.77 -24.61
CA MET A 218 0.87 23.39 -25.82
C MET A 218 1.17 24.84 -25.53
N TYR A 219 2.45 25.17 -25.45
CA TYR A 219 2.92 26.53 -25.23
C TYR A 219 3.07 27.25 -26.57
N ILE A 220 2.65 28.50 -26.70
CA ILE A 220 2.93 29.25 -27.91
C ILE A 220 3.99 30.19 -27.34
N ARG A 221 5.21 30.01 -27.92
CA ARG A 221 6.40 30.76 -27.49
C ARG A 221 7.11 31.32 -28.68
N PRO A 222 6.53 32.19 -29.54
CA PRO A 222 6.99 32.41 -30.90
C PRO A 222 8.29 33.12 -30.71
N PRO A 223 9.37 32.59 -31.29
CA PRO A 223 10.75 32.98 -30.97
C PRO A 223 10.96 34.50 -30.90
N MET A 224 10.51 35.15 -32.00
CA MET A 224 10.61 36.59 -32.20
C MET A 224 9.91 37.49 -31.17
N ASN A 225 8.82 36.97 -30.61
CA ASN A 225 8.05 37.71 -29.65
C ASN A 225 8.38 37.30 -28.24
N ILE A 226 9.59 36.78 -27.90
CA ILE A 226 9.91 36.58 -26.47
C ILE A 226 10.66 37.85 -26.03
N LEU A 227 9.80 38.82 -25.74
CA LEU A 227 10.25 40.16 -25.47
C LEU A 227 9.88 40.69 -24.11
N SER A 228 10.84 41.47 -23.62
CA SER A 228 10.69 42.16 -22.37
C SER A 228 9.72 43.32 -22.53
N GLN A 229 9.37 43.97 -21.42
CA GLN A 229 8.44 45.09 -21.41
C GLN A 229 8.91 46.31 -22.18
N LYS A 230 10.14 46.67 -21.83
CA LYS A 230 10.91 47.75 -22.39
C LYS A 230 11.12 47.50 -23.88
N GLU A 231 11.41 46.29 -24.33
CA GLU A 231 11.58 46.09 -25.76
C GLU A 231 10.34 46.19 -26.58
N VAL A 232 9.13 46.03 -26.01
CA VAL A 232 7.87 46.28 -26.73
C VAL A 232 7.58 47.79 -26.72
N ILE A 233 8.00 48.50 -25.66
CA ILE A 233 7.91 49.93 -25.62
C ILE A 233 8.80 50.43 -26.70
N GLN A 234 9.93 49.75 -26.94
CA GLN A 234 10.88 50.13 -27.96
C GLN A 234 10.49 49.95 -29.41
N ILE A 235 9.59 49.00 -29.70
CA ILE A 235 9.03 48.84 -31.03
C ILE A 235 8.04 49.98 -31.24
N TRP A 236 7.37 50.47 -30.18
CA TRP A 236 6.45 51.60 -30.32
C TRP A 236 7.27 52.84 -30.63
N GLU A 237 8.33 53.04 -29.83
CA GLU A 237 9.23 54.15 -30.00
C GLU A 237 9.72 54.14 -31.42
N ARG A 238 10.28 53.01 -31.87
CA ARG A 238 10.76 52.89 -33.24
C ARG A 238 9.69 53.18 -34.29
N LEU A 239 8.40 53.00 -33.94
CA LEU A 239 7.31 53.09 -34.91
C LEU A 239 6.62 54.43 -35.01
N SER A 240 6.25 54.93 -33.84
CA SER A 240 5.59 56.22 -33.73
C SER A 240 6.58 57.36 -34.02
N GLU A 241 7.87 57.01 -33.81
CA GLU A 241 9.04 57.84 -33.92
C GLU A 241 8.98 58.85 -32.80
N GLN A 242 8.88 58.32 -31.58
CA GLN A 242 8.90 59.18 -30.41
C GLN A 242 9.42 58.41 -29.22
N ASN A 243 10.25 59.11 -28.45
CA ASN A 243 10.79 58.56 -27.23
C ASN A 243 10.01 59.07 -26.01
N LEU A 244 9.42 58.09 -25.34
CA LEU A 244 8.67 58.28 -24.12
C LEU A 244 9.54 58.49 -22.88
N ASP A 245 8.84 59.01 -21.89
CA ASP A 245 9.40 59.37 -20.61
C ASP A 245 8.96 58.39 -19.53
N LYS A 246 9.96 57.54 -19.42
CA LYS A 246 10.06 56.38 -18.53
C LYS A 246 10.14 56.69 -17.05
N ILE A 247 9.48 55.84 -16.23
CA ILE A 247 9.38 56.10 -14.80
C ILE A 247 9.95 54.97 -13.92
N TYR A 248 9.55 53.71 -14.18
CA TYR A 248 9.93 52.46 -13.49
C TYR A 248 9.39 52.33 -12.06
N ILE A 249 8.97 51.12 -11.66
CA ILE A 249 8.35 50.87 -10.36
C ILE A 249 8.75 49.51 -9.78
N SER A 250 8.59 49.18 -8.49
CA SER A 250 9.13 47.93 -7.91
C SER A 250 8.20 47.07 -7.04
N SER A 251 8.68 45.97 -6.42
CA SER A 251 7.86 45.06 -5.63
C SER A 251 7.06 45.52 -4.40
N GLN A 252 7.68 45.74 -3.20
CA GLN A 252 7.06 45.95 -1.87
C GLN A 252 5.73 46.67 -1.49
N ASP A 253 5.75 48.00 -1.30
CA ASP A 253 4.56 48.76 -0.91
C ASP A 253 3.53 48.98 -2.05
N PHE A 254 3.88 48.40 -3.20
CA PHE A 254 3.25 48.43 -4.53
C PHE A 254 2.36 47.22 -4.58
N LEU A 255 2.94 46.15 -4.04
CA LEU A 255 2.17 44.99 -3.65
C LEU A 255 1.30 45.29 -2.40
N ALA A 256 1.62 46.06 -1.33
CA ALA A 256 0.55 46.34 -0.31
C ALA A 256 -0.53 47.38 -0.69
N ASP A 257 -0.10 48.27 -1.63
CA ASP A 257 -0.94 49.26 -2.31
C ASP A 257 -2.02 48.44 -2.99
N MET A 258 -1.57 47.61 -3.96
CA MET A 258 -2.38 46.67 -4.69
C MET A 258 -3.28 45.84 -3.75
N LYS A 259 -2.71 45.23 -2.69
CA LYS A 259 -3.48 44.48 -1.70
C LYS A 259 -4.51 45.32 -0.91
N ASP A 260 -4.50 46.67 -1.09
CA ASP A 260 -5.60 47.49 -0.57
C ASP A 260 -6.54 48.20 -1.60
N LYS A 261 -6.35 48.05 -2.93
CA LYS A 261 -7.19 48.65 -3.99
C LYS A 261 -8.36 47.80 -4.55
N SER A 262 -8.68 46.73 -3.81
CA SER A 262 -9.77 45.75 -4.02
C SER A 262 -9.99 45.09 -5.37
N TYR A 263 -10.17 43.76 -5.23
CA TYR A 263 -10.48 42.74 -6.23
C TYR A 263 -10.79 43.22 -7.62
N GLU A 264 -10.38 42.45 -8.60
CA GLU A 264 -10.46 42.79 -10.02
C GLU A 264 -9.39 43.80 -10.38
N GLU A 265 -8.96 44.61 -9.39
CA GLU A 265 -7.94 45.64 -9.53
C GLU A 265 -6.65 45.08 -8.96
N LYS A 266 -6.71 44.26 -7.91
CA LYS A 266 -5.52 43.57 -7.49
C LYS A 266 -5.49 42.13 -8.00
N ILE A 267 -6.38 41.76 -8.93
CA ILE A 267 -6.33 40.48 -9.64
C ILE A 267 -5.51 40.79 -10.87
N VAL A 268 -5.81 41.87 -11.59
CA VAL A 268 -5.05 42.24 -12.77
C VAL A 268 -3.64 42.63 -12.41
N ARG A 269 -3.49 43.31 -11.27
CA ARG A 269 -2.18 43.55 -10.66
C ARG A 269 -1.92 42.22 -9.94
N CYS A 270 -0.73 41.62 -9.97
CA CYS A 270 -0.40 40.30 -9.41
C CYS A 270 -0.99 39.21 -10.26
N HIS A 271 -0.43 39.33 -11.46
CA HIS A 271 -0.72 38.59 -12.66
C HIS A 271 0.20 39.40 -13.53
N LEU A 272 -0.09 40.69 -13.65
CA LEU A 272 0.79 41.63 -14.30
C LEU A 272 2.08 41.71 -13.51
N TYR A 273 1.99 41.31 -12.24
CA TYR A 273 3.12 41.24 -11.36
C TYR A 273 3.75 39.85 -11.40
N GLN A 274 3.06 38.81 -11.92
CA GLN A 274 3.67 37.49 -12.11
C GLN A 274 4.33 37.49 -13.48
N ILE A 275 3.73 38.15 -14.49
CA ILE A 275 4.29 38.38 -15.84
C ILE A 275 5.63 39.20 -15.85
N PHE A 276 5.62 40.43 -15.30
CA PHE A 276 6.78 41.32 -15.34
C PHE A 276 7.43 41.58 -13.96
N PHE A 277 7.83 40.52 -13.21
CA PHE A 277 8.56 40.58 -11.94
C PHE A 277 9.11 39.24 -11.47
N ARG A 278 8.25 38.20 -11.42
CA ARG A 278 8.61 36.82 -11.10
C ARG A 278 8.74 36.04 -12.40
N GLY A 279 8.34 36.69 -13.51
CA GLY A 279 8.55 36.20 -14.86
C GLY A 279 7.97 34.86 -15.27
N ASP A 280 6.77 34.48 -14.78
CA ASP A 280 6.11 33.23 -15.17
C ASP A 280 5.70 33.01 -16.63
N LEU A 281 6.28 33.69 -17.62
CA LEU A 281 5.92 33.37 -19.00
C LEU A 281 6.98 32.54 -19.73
N TYR A 282 8.23 32.84 -19.39
CA TYR A 282 9.41 32.23 -19.96
C TYR A 282 10.38 31.71 -18.92
N ASN A 283 10.21 31.92 -17.60
CA ASN A 283 11.14 31.45 -16.58
C ASN A 283 11.15 29.94 -16.33
N PHE A 284 10.87 29.09 -17.34
CA PHE A 284 10.87 27.65 -17.14
C PHE A 284 11.00 26.87 -18.42
N GLU A 285 11.24 25.61 -18.08
CA GLU A 285 11.45 24.52 -18.98
C GLU A 285 10.24 24.11 -19.74
N ILE A 286 10.39 23.53 -20.93
CA ILE A 286 9.22 22.95 -21.51
C ILE A 286 9.40 21.50 -21.10
N GLY A 287 10.32 20.77 -21.75
CA GLY A 287 10.56 19.35 -21.49
C GLY A 287 9.29 18.49 -21.57
N PRO A 288 9.22 17.38 -20.85
CA PRO A 288 8.53 16.12 -21.22
C PRO A 288 7.01 15.97 -21.50
N ASN A 289 6.10 16.56 -20.69
CA ASN A 289 4.63 16.54 -20.81
C ASN A 289 4.13 17.91 -21.34
N ALA A 290 4.70 18.29 -22.50
CA ALA A 290 4.45 19.56 -23.15
C ALA A 290 5.08 19.69 -24.53
N ILE A 291 4.63 20.68 -25.33
CA ILE A 291 5.19 21.05 -26.62
C ILE A 291 5.16 22.57 -26.87
N GLU A 292 5.70 23.03 -28.00
CA GLU A 292 5.65 24.44 -28.41
C GLU A 292 4.85 24.53 -29.72
N ALA A 293 3.86 25.42 -29.79
CA ALA A 293 3.02 25.54 -30.95
C ALA A 293 3.66 25.89 -32.26
N THR A 294 4.72 26.72 -32.20
CA THR A 294 5.42 27.22 -33.38
C THR A 294 6.44 26.26 -33.96
N LYS A 295 7.08 25.42 -33.13
CA LYS A 295 7.97 24.35 -33.59
C LYS A 295 7.18 23.36 -34.45
N LEU A 296 6.07 22.86 -33.89
CA LEU A 296 5.15 21.92 -34.52
C LEU A 296 4.56 22.38 -35.84
N TYR A 297 4.09 23.64 -35.86
CA TYR A 297 3.47 24.11 -37.07
C TYR A 297 4.35 25.23 -37.59
N PRO A 298 5.47 24.89 -38.23
CA PRO A 298 6.46 25.84 -38.70
C PRO A 298 5.89 26.68 -39.85
N GLU A 299 5.02 26.05 -40.65
CA GLU A 299 4.30 26.65 -41.74
C GLU A 299 3.39 27.81 -41.37
N VAL A 300 2.83 27.75 -40.15
CA VAL A 300 2.00 28.83 -39.68
C VAL A 300 2.88 30.05 -39.53
N LYS A 301 2.14 31.12 -39.86
CA LYS A 301 2.47 32.54 -39.93
C LYS A 301 2.30 33.39 -38.65
N TYR A 302 3.35 33.62 -37.84
CA TYR A 302 3.11 34.45 -36.67
C TYR A 302 3.55 35.87 -36.90
N VAL A 303 2.64 36.67 -36.36
CA VAL A 303 2.77 38.11 -36.33
C VAL A 303 3.66 38.51 -35.17
N THR A 304 4.59 39.37 -35.56
CA THR A 304 5.57 39.96 -34.66
C THR A 304 4.95 41.21 -34.04
N MET A 305 5.50 41.70 -32.91
CA MET A 305 4.95 42.91 -32.27
C MET A 305 5.24 44.21 -33.04
N ASP A 306 6.07 44.12 -34.05
CA ASP A 306 6.42 45.15 -34.99
C ASP A 306 5.24 45.20 -35.93
N SER A 307 4.90 44.09 -36.56
CA SER A 307 3.76 44.07 -37.46
C SER A 307 2.39 44.24 -36.78
N TYR A 308 2.26 43.79 -35.52
CA TYR A 308 1.06 44.02 -34.73
C TYR A 308 0.99 45.50 -34.29
N LEU A 309 2.08 46.10 -33.77
CA LEU A 309 2.07 47.52 -33.43
C LEU A 309 2.03 48.44 -34.65
N GLU A 310 2.46 47.96 -35.83
CA GLU A 310 2.45 48.65 -37.13
C GLU A 310 1.03 48.92 -37.62
N ARG A 311 0.07 48.94 -36.71
CA ARG A 311 -1.31 49.26 -37.00
C ARG A 311 -1.94 49.94 -35.81
N TYR A 312 -1.28 49.94 -34.66
CA TYR A 312 -1.80 50.66 -33.53
C TYR A 312 -1.49 52.14 -33.72
N VAL A 313 -0.58 52.42 -34.66
CA VAL A 313 -0.26 53.77 -35.06
C VAL A 313 -0.78 53.93 -36.50
N ASP B 2 12.96 -39.15 4.47
CA ASP B 2 11.91 -38.36 5.09
C ASP B 2 11.74 -38.79 6.55
N LYS B 3 12.19 -37.92 7.48
CA LYS B 3 12.18 -38.16 8.94
C LYS B 3 10.85 -37.78 9.57
N LYS B 4 10.14 -38.91 9.78
CA LYS B 4 8.72 -38.91 10.06
C LYS B 4 8.19 -39.44 11.39
N SER B 5 9.03 -39.80 12.39
CA SER B 5 8.51 -40.30 13.66
C SER B 5 7.66 -39.27 14.38
N ARG B 6 6.51 -39.75 14.82
CA ARG B 6 5.48 -38.98 15.48
C ARG B 6 5.89 -38.43 16.83
N VAL B 7 5.94 -37.11 16.95
CA VAL B 7 6.38 -36.55 18.21
C VAL B 7 5.19 -35.91 18.91
N LEU B 8 4.97 -36.28 20.17
CA LEU B 8 3.97 -35.68 21.06
C LEU B 8 4.79 -34.86 22.02
N ILE B 9 4.50 -33.57 22.23
CA ILE B 9 5.35 -32.75 23.09
C ILE B 9 4.57 -32.25 24.26
N VAL B 10 5.12 -32.52 25.44
CA VAL B 10 4.53 -32.07 26.70
C VAL B 10 5.29 -30.82 27.14
N GLY B 11 4.54 -29.82 27.60
CA GLY B 11 5.10 -28.53 27.94
C GLY B 11 5.37 -27.67 26.70
N GLY B 12 4.57 -27.77 25.63
CA GLY B 12 4.76 -27.04 24.38
C GLY B 12 4.49 -25.55 24.47
N THR B 13 3.96 -25.01 25.57
CA THR B 13 3.74 -23.57 25.64
C THR B 13 4.64 -22.86 26.67
N GLY B 14 5.67 -23.54 27.14
CA GLY B 14 6.65 -22.97 28.05
C GLY B 14 7.83 -22.44 27.25
N TYR B 15 8.75 -21.78 27.99
CA TYR B 15 9.91 -21.13 27.41
C TYR B 15 10.68 -22.01 26.47
N ILE B 16 11.04 -23.25 26.83
CA ILE B 16 11.78 -24.01 25.84
C ILE B 16 10.90 -24.82 24.91
N GLY B 17 9.76 -25.26 25.47
CA GLY B 17 8.74 -26.06 24.82
C GLY B 17 8.30 -25.57 23.46
N LYS B 18 7.90 -24.27 23.39
CA LYS B 18 7.47 -23.66 22.12
C LYS B 18 8.53 -23.79 21.03
N ARG B 19 9.82 -23.72 21.38
CA ARG B 19 10.90 -23.90 20.41
C ARG B 19 11.11 -25.33 19.95
N ILE B 20 10.91 -26.24 20.89
CA ILE B 20 11.03 -27.64 20.61
C ILE B 20 9.91 -27.96 19.60
N VAL B 21 8.73 -27.36 19.86
CA VAL B 21 7.58 -27.58 19.01
C VAL B 21 7.80 -27.03 17.59
N ASN B 22 8.34 -25.85 17.44
CA ASN B 22 8.62 -25.38 16.08
C ASN B 22 9.73 -26.15 15.39
N ALA B 23 10.71 -26.66 16.13
CA ALA B 23 11.75 -27.43 15.51
C ALA B 23 11.17 -28.70 15.00
N SER B 24 10.38 -29.33 15.89
CA SER B 24 9.67 -30.56 15.58
C SER B 24 8.94 -30.42 14.25
N ILE B 25 8.06 -29.41 14.19
CA ILE B 25 7.35 -29.11 12.95
C ILE B 25 8.32 -28.79 11.80
N SER B 26 9.28 -27.85 11.87
CA SER B 26 10.20 -27.51 10.79
C SER B 26 10.84 -28.70 10.18
N LEU B 27 11.28 -29.57 11.09
CA LEU B 27 12.03 -30.72 10.65
C LEU B 27 11.22 -31.89 10.13
N GLY B 28 9.87 -31.79 10.16
CA GLY B 28 8.98 -32.71 9.44
C GLY B 28 8.33 -33.85 10.19
N HIS B 29 8.39 -33.72 11.52
CA HIS B 29 7.85 -34.72 12.39
C HIS B 29 6.38 -34.48 12.69
N PRO B 30 5.47 -35.44 12.42
CA PRO B 30 4.07 -35.42 12.85
C PRO B 30 4.03 -35.02 14.30
N THR B 31 3.49 -33.83 14.52
CA THR B 31 3.51 -33.26 15.85
C THR B 31 2.15 -33.24 16.50
N TYR B 32 2.09 -33.45 17.82
CA TYR B 32 0.83 -33.37 18.57
C TYR B 32 1.15 -32.72 19.91
N VAL B 33 0.40 -31.72 20.40
CA VAL B 33 0.81 -31.08 21.64
C VAL B 33 -0.15 -31.19 22.84
N LEU B 34 0.40 -31.79 23.91
CA LEU B 34 -0.38 -32.12 25.11
C LEU B 34 -0.59 -31.00 26.14
N PHE B 35 -1.85 -30.85 26.62
CA PHE B 35 -2.27 -29.82 27.59
C PHE B 35 -3.59 -29.92 28.33
N ARG B 36 -3.81 -29.40 29.56
CA ARG B 36 -5.19 -29.33 30.07
C ARG B 36 -5.64 -28.01 30.70
N PRO B 37 -6.90 -27.93 31.19
CA PRO B 37 -7.39 -27.52 32.50
C PRO B 37 -6.58 -27.49 33.79
N GLU B 38 -5.31 -27.73 33.46
CA GLU B 38 -4.18 -27.34 34.28
C GLU B 38 -3.95 -25.86 33.84
N VAL B 39 -4.78 -25.45 32.83
CA VAL B 39 -5.23 -24.20 32.21
C VAL B 39 -4.88 -23.69 30.81
N VAL B 40 -6.13 -23.39 30.43
CA VAL B 40 -6.71 -22.90 29.18
C VAL B 40 -7.41 -21.55 29.40
N SER B 41 -7.40 -21.09 30.64
CA SER B 41 -7.88 -19.81 31.03
C SER B 41 -6.88 -18.72 30.61
N ASN B 42 -5.72 -19.12 30.09
CA ASN B 42 -4.79 -18.15 29.57
C ASN B 42 -5.07 -17.96 28.09
N ILE B 43 -5.50 -16.75 27.68
CA ILE B 43 -5.69 -16.38 26.28
C ILE B 43 -4.38 -16.45 25.50
N ASP B 44 -3.26 -16.18 26.19
CA ASP B 44 -1.93 -16.17 25.57
C ASP B 44 -1.41 -17.57 25.35
N LYS B 45 -1.53 -18.42 26.36
CA LYS B 45 -1.19 -19.80 26.15
C LYS B 45 -2.16 -20.48 25.20
N VAL B 46 -3.47 -20.26 25.27
CA VAL B 46 -4.37 -20.90 24.31
C VAL B 46 -4.16 -20.49 22.87
N GLN B 47 -3.75 -19.24 22.62
CA GLN B 47 -3.48 -18.70 21.27
C GLN B 47 -2.21 -19.30 20.65
N MET B 48 -1.28 -19.68 21.52
CA MET B 48 -0.02 -20.31 21.14
C MET B 48 -0.40 -21.70 20.63
N LEU B 49 -1.33 -22.40 21.34
CA LEU B 49 -1.86 -23.67 20.89
C LEU B 49 -2.56 -23.60 19.55
N LEU B 50 -3.48 -22.65 19.39
CA LEU B 50 -4.17 -22.46 18.10
C LEU B 50 -3.24 -22.16 16.93
N TYR B 51 -2.11 -21.53 17.27
CA TYR B 51 -1.01 -21.16 16.40
C TYR B 51 -0.37 -22.49 16.01
N PHE B 52 0.18 -23.30 16.97
CA PHE B 52 0.83 -24.59 16.67
C PHE B 52 -0.05 -25.47 15.79
N LYS B 53 -1.38 -25.43 16.02
CA LYS B 53 -2.34 -26.16 15.23
C LYS B 53 -2.25 -25.78 13.80
N GLN B 54 -2.52 -24.52 13.52
CA GLN B 54 -2.45 -23.93 12.18
C GLN B 54 -1.20 -24.23 11.34
N LEU B 55 -0.10 -24.54 11.99
CA LEU B 55 1.12 -24.93 11.32
C LEU B 55 1.09 -26.39 10.91
N GLY B 56 0.36 -27.22 11.67
CA GLY B 56 0.20 -28.65 11.34
C GLY B 56 0.32 -29.59 12.54
N ALA B 57 0.14 -29.01 13.74
CA ALA B 57 0.19 -29.76 14.97
C ALA B 57 -1.23 -30.08 15.33
N LYS B 58 -1.32 -31.05 16.22
CA LYS B 58 -2.60 -31.54 16.63
C LYS B 58 -2.60 -31.38 18.12
N LEU B 59 -3.40 -30.44 18.56
CA LEU B 59 -3.58 -30.20 19.98
C LEU B 59 -4.26 -31.40 20.62
N ILE B 60 -3.99 -31.76 21.90
CA ILE B 60 -4.59 -32.90 22.61
C ILE B 60 -4.93 -32.35 23.99
N GLU B 61 -6.22 -32.23 24.21
CA GLU B 61 -6.75 -31.64 25.41
C GLU B 61 -6.70 -32.48 26.70
N ALA B 62 -5.69 -33.31 27.00
CA ALA B 62 -5.67 -34.12 28.23
C ALA B 62 -4.87 -33.67 29.45
N SER B 63 -5.03 -34.33 30.57
CA SER B 63 -4.40 -33.93 31.82
C SER B 63 -3.17 -34.74 32.10
N LEU B 64 -2.29 -34.41 33.07
CA LEU B 64 -1.21 -35.32 33.36
C LEU B 64 -1.71 -36.43 34.29
N ASP B 65 -2.90 -36.27 34.88
CA ASP B 65 -3.54 -37.26 35.74
C ASP B 65 -4.21 -38.44 35.02
N ASP B 66 -5.04 -38.10 34.02
CA ASP B 66 -5.80 -39.00 33.18
C ASP B 66 -4.88 -39.89 32.36
N HIS B 67 -4.54 -40.94 33.12
CA HIS B 67 -3.74 -42.06 32.69
C HIS B 67 -4.35 -42.76 31.48
N GLN B 68 -5.60 -43.23 31.49
CA GLN B 68 -6.18 -43.92 30.32
C GLN B 68 -5.96 -43.08 29.07
N ARG B 69 -6.42 -41.80 29.12
CA ARG B 69 -6.35 -40.85 28.00
C ARG B 69 -4.94 -40.57 27.56
N LEU B 70 -4.02 -40.47 28.53
CA LEU B 70 -2.59 -40.30 28.24
C LEU B 70 -2.16 -41.48 27.42
N VAL B 71 -2.33 -42.71 27.95
CA VAL B 71 -1.98 -43.96 27.28
C VAL B 71 -2.66 -44.08 25.91
N ASP B 72 -3.97 -43.85 25.70
CA ASP B 72 -4.60 -43.92 24.38
C ASP B 72 -3.93 -43.12 23.26
N ALA B 73 -3.48 -41.93 23.72
CA ALA B 73 -2.79 -40.89 22.94
C ALA B 73 -1.41 -41.30 22.55
N LEU B 74 -0.70 -41.79 23.59
CA LEU B 74 0.66 -42.31 23.50
C LEU B 74 0.80 -43.48 22.54
N LYS B 75 -0.31 -44.11 22.14
CA LYS B 75 -0.34 -45.20 21.16
C LYS B 75 -0.23 -44.64 19.77
N GLN B 76 -0.33 -43.32 19.66
CA GLN B 76 -0.23 -42.71 18.35
C GLN B 76 1.16 -42.12 18.10
N VAL B 77 2.08 -42.23 19.06
CA VAL B 77 3.44 -41.75 18.90
C VAL B 77 4.51 -42.76 19.29
N ASP B 78 5.67 -42.39 18.75
CA ASP B 78 6.95 -43.02 18.92
C ASP B 78 7.89 -42.28 19.86
N VAL B 79 7.86 -40.95 19.82
CA VAL B 79 8.75 -40.13 20.63
C VAL B 79 8.05 -39.00 21.39
N VAL B 80 8.20 -38.99 22.71
CA VAL B 80 7.63 -37.98 23.59
C VAL B 80 8.67 -37.03 24.15
N ILE B 81 8.58 -35.70 23.94
CA ILE B 81 9.55 -34.73 24.49
C ILE B 81 8.89 -33.88 25.55
N SER B 82 9.31 -34.01 26.81
CA SER B 82 8.74 -33.24 27.90
C SER B 82 9.53 -31.96 28.23
N ALA B 83 8.95 -30.76 28.08
CA ALA B 83 9.61 -29.50 28.40
C ALA B 83 8.86 -28.68 29.46
N LEU B 84 8.22 -29.38 30.40
CA LEU B 84 7.37 -28.90 31.48
C LEU B 84 8.02 -27.84 32.35
N ALA B 85 7.25 -26.83 32.75
CA ALA B 85 7.80 -25.70 33.48
C ALA B 85 7.76 -25.73 35.01
N GLY B 86 8.66 -26.59 35.54
CA GLY B 86 8.89 -26.73 36.97
C GLY B 86 10.22 -26.07 37.40
N GLY B 87 10.41 -24.80 37.04
CA GLY B 87 11.60 -24.03 37.41
C GLY B 87 11.43 -23.26 38.72
N VAL B 88 10.19 -23.40 39.26
CA VAL B 88 9.74 -22.84 40.52
C VAL B 88 9.94 -23.94 41.58
N LEU B 89 8.99 -24.72 42.12
CA LEU B 89 9.28 -25.76 43.12
C LEU B 89 9.87 -27.07 42.59
N SER B 90 9.96 -27.13 41.23
CA SER B 90 10.28 -28.27 40.34
C SER B 90 9.19 -29.36 40.43
N HIS B 91 8.04 -28.71 40.66
CA HIS B 91 6.73 -29.23 40.90
C HIS B 91 6.26 -29.99 39.70
N HIS B 92 6.26 -29.34 38.54
CA HIS B 92 5.78 -29.97 37.34
C HIS B 92 6.77 -30.95 36.81
N ILE B 93 8.03 -30.89 37.28
CA ILE B 93 9.02 -31.87 36.87
C ILE B 93 8.58 -33.25 37.37
N LEU B 94 7.95 -33.16 38.53
CA LEU B 94 7.34 -34.25 39.23
C LEU B 94 6.00 -34.70 38.67
N GLU B 95 5.24 -33.83 37.99
CA GLU B 95 4.06 -34.27 37.25
C GLU B 95 4.43 -35.21 36.12
N GLN B 96 5.67 -35.23 35.67
CA GLN B 96 6.13 -36.17 34.65
C GLN B 96 6.19 -37.59 35.18
N LEU B 97 5.96 -37.88 36.46
CA LEU B 97 6.04 -39.27 37.00
C LEU B 97 4.84 -40.09 36.57
N LYS B 98 3.71 -39.38 36.63
CA LYS B 98 2.46 -39.84 36.06
C LYS B 98 2.70 -40.19 34.59
N LEU B 99 3.41 -39.35 33.83
CA LEU B 99 3.74 -39.48 32.40
C LEU B 99 4.70 -40.63 32.15
N VAL B 100 5.63 -40.92 33.07
CA VAL B 100 6.55 -42.05 32.90
C VAL B 100 5.73 -43.34 33.01
N GLU B 101 4.84 -43.44 34.04
CA GLU B 101 3.93 -44.57 34.29
C GLU B 101 3.04 -44.93 33.09
N ALA B 102 2.68 -43.95 32.24
CA ALA B 102 1.86 -44.09 31.06
C ALA B 102 2.63 -44.60 29.85
N ILE B 103 3.90 -44.18 29.74
CA ILE B 103 4.83 -44.56 28.66
C ILE B 103 5.27 -46.02 28.72
N LYS B 104 5.33 -46.43 29.98
CA LYS B 104 5.64 -47.76 30.39
C LYS B 104 4.52 -48.65 29.89
N GLU B 105 3.28 -48.20 30.15
CA GLU B 105 2.10 -48.93 29.74
C GLU B 105 1.93 -48.90 28.24
N ALA B 106 1.76 -47.75 27.57
CA ALA B 106 1.68 -47.72 26.11
C ALA B 106 3.10 -47.87 25.59
N GLY B 107 3.66 -49.09 25.69
CA GLY B 107 5.07 -49.35 25.46
C GLY B 107 5.61 -49.34 24.03
N ASN B 108 5.13 -48.47 23.15
CA ASN B 108 5.63 -48.40 21.80
C ASN B 108 6.46 -47.12 21.53
N ILE B 109 6.93 -46.49 22.63
CA ILE B 109 7.69 -45.25 22.60
C ILE B 109 9.18 -45.56 22.41
N LYS B 110 9.74 -45.14 21.26
CA LYS B 110 11.15 -45.34 20.95
C LYS B 110 12.11 -44.53 21.84
N ARG B 111 11.65 -43.41 22.43
CA ARG B 111 12.48 -42.50 23.22
C ARG B 111 11.69 -41.49 24.03
N PHE B 112 12.00 -41.33 25.32
CA PHE B 112 11.42 -40.29 26.13
C PHE B 112 12.50 -39.33 26.59
N LEU B 113 12.47 -38.10 26.03
CA LEU B 113 13.36 -37.07 26.50
C LEU B 113 12.60 -36.33 27.60
N PRO B 114 12.98 -36.35 28.88
CA PRO B 114 12.34 -35.54 29.91
C PRO B 114 12.70 -34.05 29.94
N SER B 115 12.26 -33.40 31.01
CA SER B 115 12.46 -31.97 31.16
C SER B 115 13.79 -31.67 31.82
N GLU B 116 14.78 -31.70 30.93
CA GLU B 116 16.15 -31.44 31.34
C GLU B 116 16.55 -30.00 31.03
N PHE B 117 16.96 -29.84 29.77
CA PHE B 117 17.31 -28.61 29.08
C PHE B 117 18.25 -27.54 29.65
N GLY B 118 18.85 -27.83 30.81
CA GLY B 118 19.88 -26.97 31.34
C GLY B 118 21.16 -27.72 31.74
N MET B 119 21.37 -27.58 33.05
CA MET B 119 22.49 -28.24 33.69
C MET B 119 22.11 -29.71 33.82
N ASP B 120 23.16 -30.47 34.08
CA ASP B 120 23.06 -31.89 34.24
C ASP B 120 22.78 -32.23 35.71
N PRO B 121 21.58 -32.72 36.13
CA PRO B 121 21.20 -32.97 37.51
C PRO B 121 21.91 -34.16 38.14
N ASP B 122 22.38 -35.07 37.31
CA ASP B 122 23.12 -36.25 37.75
C ASP B 122 24.55 -36.05 38.20
N ILE B 123 25.15 -35.09 37.50
CA ILE B 123 26.51 -34.64 37.74
C ILE B 123 26.33 -33.32 38.48
N MET B 124 25.61 -33.43 39.60
CA MET B 124 25.36 -32.38 40.57
C MET B 124 25.24 -33.08 41.92
N GLU B 125 24.75 -32.30 42.89
CA GLU B 125 24.79 -32.54 44.33
C GLU B 125 26.27 -32.48 44.70
N HIS B 126 26.51 -31.19 44.45
CA HIS B 126 27.66 -30.31 44.45
C HIS B 126 27.05 -28.92 44.74
N ALA B 127 25.75 -28.89 44.50
CA ALA B 127 24.86 -27.76 44.57
C ALA B 127 24.29 -27.53 45.97
N LEU B 128 24.02 -26.25 46.26
CA LEU B 128 23.51 -25.83 47.55
C LEU B 128 22.03 -25.55 47.60
N GLN B 129 21.56 -25.41 48.83
CA GLN B 129 20.16 -25.17 49.10
C GLN B 129 19.80 -23.68 49.03
N PRO B 130 18.59 -23.29 48.58
CA PRO B 130 17.75 -24.04 47.64
C PRO B 130 18.33 -24.14 46.24
N GLY B 131 17.58 -24.58 45.23
CA GLY B 131 18.20 -24.77 43.93
C GLY B 131 18.66 -26.22 43.83
N SER B 132 19.00 -26.84 45.00
CA SER B 132 19.23 -28.27 45.11
C SER B 132 17.90 -28.90 44.68
N ILE B 133 16.79 -28.30 45.17
CA ILE B 133 15.40 -28.53 44.81
C ILE B 133 15.24 -29.06 43.37
N THR B 134 15.49 -28.15 42.42
CA THR B 134 15.40 -28.37 41.00
C THR B 134 16.23 -29.54 40.51
N PHE B 135 17.35 -29.87 41.17
CA PHE B 135 18.21 -30.92 40.70
C PHE B 135 17.85 -32.28 41.21
N ILE B 136 17.26 -32.27 42.41
CA ILE B 136 16.82 -33.50 43.05
C ILE B 136 15.62 -34.09 42.31
N ASP B 137 14.60 -33.23 42.08
CA ASP B 137 13.40 -33.62 41.39
C ASP B 137 13.69 -34.12 40.01
N LYS B 138 14.42 -33.39 39.15
CA LYS B 138 14.78 -33.89 37.82
C LYS B 138 15.50 -35.24 37.84
N ARG B 139 16.01 -35.67 38.99
CA ARG B 139 16.82 -36.87 39.15
C ARG B 139 16.02 -38.00 39.79
N LYS B 140 14.84 -37.67 40.32
CA LYS B 140 13.86 -38.64 40.85
C LYS B 140 13.24 -39.27 39.59
N VAL B 141 12.80 -38.31 38.76
CA VAL B 141 12.33 -38.56 37.41
C VAL B 141 13.42 -39.32 36.65
N ARG B 142 14.64 -38.78 36.44
CA ARG B 142 15.75 -39.46 35.73
C ARG B 142 15.89 -40.89 36.18
N ARG B 143 15.87 -41.08 37.50
CA ARG B 143 15.96 -42.43 38.03
C ARG B 143 14.64 -43.17 38.30
N ALA B 144 13.60 -42.80 37.55
CA ALA B 144 12.30 -43.47 37.58
C ALA B 144 12.04 -44.08 36.22
N ILE B 145 12.54 -43.42 35.18
CA ILE B 145 12.29 -43.86 33.83
C ILE B 145 13.23 -45.00 33.42
N GLU B 146 14.27 -45.22 34.21
CA GLU B 146 15.23 -46.32 34.06
C GLU B 146 14.64 -47.58 34.68
N ALA B 147 13.85 -47.36 35.75
CA ALA B 147 13.21 -48.43 36.45
C ALA B 147 12.21 -49.04 35.46
N ALA B 148 11.49 -48.18 34.74
CA ALA B 148 10.54 -48.63 33.76
C ALA B 148 11.17 -48.92 32.44
N SER B 149 12.50 -49.02 32.38
CA SER B 149 13.28 -49.24 31.15
C SER B 149 12.79 -48.46 29.93
N ILE B 150 12.44 -47.19 30.15
CA ILE B 150 12.00 -46.28 29.11
C ILE B 150 13.32 -45.82 28.47
N PRO B 151 13.47 -45.86 27.14
CA PRO B 151 14.75 -45.58 26.48
C PRO B 151 14.82 -44.05 26.33
N TYR B 152 15.94 -43.45 26.76
CA TYR B 152 16.01 -42.00 26.85
C TYR B 152 17.09 -41.17 26.16
N THR B 153 16.91 -39.86 26.29
CA THR B 153 17.90 -38.90 25.86
C THR B 153 17.62 -37.68 26.71
N TYR B 154 18.55 -37.52 27.65
CA TYR B 154 18.58 -36.47 28.64
C TYR B 154 19.31 -35.24 28.07
N VAL B 155 18.62 -34.19 27.62
CA VAL B 155 19.31 -33.07 27.01
C VAL B 155 19.66 -31.95 27.97
N SER B 156 20.94 -31.97 28.36
CA SER B 156 21.70 -31.00 29.17
C SER B 156 22.21 -29.90 28.23
N SER B 157 21.40 -28.86 27.97
CA SER B 157 21.75 -27.84 26.99
C SER B 157 22.24 -26.48 27.50
N ASN B 158 22.52 -26.47 28.81
CA ASN B 158 23.05 -25.36 29.58
C ASN B 158 22.20 -24.08 29.52
N MET B 159 22.87 -22.91 29.50
CA MET B 159 22.16 -21.66 29.57
C MET B 159 21.70 -21.11 28.22
N PHE B 160 20.41 -20.74 28.34
CA PHE B 160 19.62 -20.17 27.25
C PHE B 160 20.01 -18.71 27.10
N ALA B 161 20.46 -18.47 25.87
CA ALA B 161 21.09 -17.25 25.45
C ALA B 161 20.27 -15.99 25.60
N GLY B 162 18.94 -16.05 25.74
CA GLY B 162 18.19 -14.84 25.96
C GLY B 162 17.93 -14.56 27.42
N TYR B 163 18.30 -15.45 28.35
CA TYR B 163 17.93 -15.29 29.76
C TYR B 163 19.14 -14.98 30.62
N PHE B 164 20.26 -15.17 29.93
CA PHE B 164 21.54 -15.12 30.52
C PHE B 164 22.45 -14.19 29.77
N ALA B 165 22.66 -14.40 28.46
CA ALA B 165 23.53 -13.52 27.69
C ALA B 165 22.89 -12.15 27.49
N GLY B 166 21.65 -12.23 26.98
CA GLY B 166 20.77 -11.12 26.73
C GLY B 166 20.67 -10.26 27.97
N SER B 167 20.85 -10.88 29.14
CA SER B 167 20.86 -10.10 30.35
C SER B 167 22.27 -10.07 30.95
N LEU B 168 23.32 -10.51 30.20
CA LEU B 168 24.73 -10.69 30.60
C LEU B 168 24.92 -11.07 32.07
N ALA B 169 23.97 -11.91 32.53
CA ALA B 169 23.84 -12.54 33.82
C ALA B 169 23.80 -11.74 35.09
N GLN B 170 23.01 -10.66 35.12
CA GLN B 170 22.92 -9.78 36.28
C GLN B 170 21.85 -10.21 37.26
N LEU B 171 22.09 -9.97 38.56
CA LEU B 171 21.20 -10.43 39.63
C LEU B 171 19.76 -9.98 39.72
N ASP B 172 19.66 -8.67 39.58
CA ASP B 172 18.46 -7.95 39.94
C ASP B 172 17.80 -7.28 38.75
N GLY B 173 18.68 -6.75 37.90
CA GLY B 173 18.29 -6.21 36.60
C GLY B 173 18.08 -7.39 35.65
N HIS B 174 17.26 -7.26 34.58
CA HIS B 174 17.03 -8.38 33.67
C HIS B 174 16.83 -8.14 32.18
N MET B 175 16.92 -9.30 31.53
CA MET B 175 16.63 -9.63 30.13
C MET B 175 16.90 -8.74 28.92
N MET B 176 17.54 -7.60 29.15
CA MET B 176 18.10 -6.75 28.11
C MET B 176 19.50 -6.41 28.66
N PRO B 177 20.64 -6.18 27.97
CA PRO B 177 21.92 -5.91 28.64
C PRO B 177 21.90 -4.64 29.53
N PRO B 178 22.61 -4.59 30.66
CA PRO B 178 22.61 -3.43 31.52
C PRO B 178 23.56 -2.48 30.86
N ARG B 179 23.04 -1.30 30.61
CA ARG B 179 23.92 -0.28 30.05
C ARG B 179 24.18 0.77 31.13
N ASP B 180 25.52 0.95 31.26
CA ASP B 180 26.30 1.84 32.14
C ASP B 180 27.28 1.05 33.01
N LYS B 181 26.79 0.08 33.79
CA LYS B 181 27.61 -0.77 34.64
C LYS B 181 27.15 -2.23 34.72
N VAL B 182 28.05 -3.09 35.24
CA VAL B 182 27.85 -4.53 35.42
C VAL B 182 28.41 -5.09 36.71
N LEU B 183 27.73 -6.14 37.18
CA LEU B 183 28.28 -7.01 38.21
C LEU B 183 28.99 -8.11 37.45
N ILE B 184 30.06 -8.61 38.09
CA ILE B 184 30.77 -9.76 37.59
C ILE B 184 31.11 -10.60 38.82
N TYR B 185 30.97 -11.91 38.63
CA TYR B 185 31.12 -12.88 39.70
C TYR B 185 32.58 -13.23 39.77
N GLY B 186 33.12 -12.55 40.80
CA GLY B 186 34.50 -12.63 41.27
C GLY B 186 35.62 -12.10 40.38
N ASP B 187 35.99 -13.03 39.48
CA ASP B 187 37.06 -12.88 38.51
C ASP B 187 36.66 -12.70 37.03
N GLY B 188 35.50 -13.30 36.69
CA GLY B 188 34.85 -13.38 35.38
C GLY B 188 35.50 -14.34 34.37
N ASN B 189 36.39 -15.26 34.75
CA ASN B 189 37.07 -16.08 33.75
C ASN B 189 36.68 -17.53 33.65
N VAL B 190 35.96 -17.93 34.70
CA VAL B 190 35.27 -19.22 34.89
C VAL B 190 34.25 -19.37 33.76
N LYS B 191 34.62 -20.32 32.89
CA LYS B 191 33.93 -20.51 31.64
C LYS B 191 32.51 -21.10 31.73
N GLY B 192 31.63 -20.68 30.82
CA GLY B 192 30.23 -21.11 30.78
C GLY B 192 29.83 -21.53 29.38
N ILE B 193 28.63 -22.08 29.10
CA ILE B 193 28.26 -22.37 27.71
C ILE B 193 26.99 -21.57 27.57
N TRP B 194 26.77 -20.98 26.39
CA TRP B 194 25.73 -20.00 26.17
C TRP B 194 25.11 -20.49 24.89
N VAL B 195 23.82 -20.91 24.86
CA VAL B 195 23.20 -21.49 23.66
C VAL B 195 21.84 -20.88 23.33
N ASP B 196 21.63 -20.52 22.04
CA ASP B 196 20.41 -19.97 21.44
C ASP B 196 19.20 -20.90 21.55
N GLU B 197 18.06 -20.27 21.83
CA GLU B 197 16.83 -20.97 22.07
C GLU B 197 16.36 -21.89 20.98
N ASP B 198 16.52 -21.47 19.72
CA ASP B 198 16.11 -22.31 18.62
C ASP B 198 17.07 -23.43 18.28
N ASP B 199 18.39 -23.33 18.55
CA ASP B 199 19.27 -24.47 18.33
C ASP B 199 19.08 -25.57 19.37
N VAL B 200 18.74 -25.23 20.62
CA VAL B 200 18.42 -26.17 21.70
C VAL B 200 17.37 -27.16 21.21
N GLY B 201 16.38 -26.62 20.48
CA GLY B 201 15.24 -27.33 19.98
C GLY B 201 15.52 -28.07 18.70
N THR B 202 16.55 -27.75 17.91
CA THR B 202 16.96 -28.52 16.72
C THR B 202 18.05 -29.54 17.11
N TYR B 203 18.58 -29.43 18.31
CA TYR B 203 19.57 -30.38 18.80
C TYR B 203 18.92 -31.46 19.65
N THR B 204 17.66 -31.16 20.05
CA THR B 204 16.69 -31.98 20.76
C THR B 204 15.93 -32.88 19.74
N ILE B 205 15.51 -32.43 18.56
CA ILE B 205 14.74 -33.21 17.58
C ILE B 205 15.67 -33.94 16.63
N LYS B 206 16.90 -33.50 16.57
CA LYS B 206 17.83 -34.24 15.75
C LYS B 206 18.23 -35.50 16.47
N SER B 207 18.42 -35.41 17.80
CA SER B 207 18.68 -36.56 18.64
C SER B 207 17.51 -37.55 18.82
N ILE B 208 16.27 -37.29 18.35
CA ILE B 208 15.09 -38.14 18.60
C ILE B 208 15.19 -39.52 17.99
N ASP B 209 15.74 -39.59 16.78
CA ASP B 209 15.92 -40.85 16.06
C ASP B 209 17.38 -41.25 15.93
N ASP B 210 18.30 -41.12 16.89
CA ASP B 210 19.70 -41.53 16.64
C ASP B 210 20.09 -42.62 17.65
N PRO B 211 20.53 -43.80 17.19
CA PRO B 211 21.17 -44.80 18.03
C PRO B 211 22.18 -44.22 19.02
N GLN B 212 23.00 -43.27 18.55
CA GLN B 212 24.05 -42.60 19.33
C GLN B 212 23.55 -41.78 20.50
N THR B 213 22.32 -41.31 20.39
CA THR B 213 21.71 -40.54 21.46
C THR B 213 20.79 -41.43 22.29
N LEU B 214 20.56 -42.68 21.86
CA LEU B 214 19.78 -43.65 22.62
C LEU B 214 20.40 -43.99 23.95
N ASN B 215 19.67 -43.76 25.05
CA ASN B 215 20.14 -43.96 26.41
C ASN B 215 21.51 -43.41 26.72
N LYS B 216 21.52 -42.09 26.61
CA LYS B 216 22.71 -41.29 26.81
C LYS B 216 22.21 -39.87 27.02
N THR B 217 22.94 -39.21 27.92
CA THR B 217 22.68 -37.81 28.09
C THR B 217 23.47 -37.08 26.99
N MET B 218 22.85 -36.00 26.49
CA MET B 218 23.46 -35.21 25.43
C MET B 218 23.77 -33.80 25.93
N TYR B 219 25.02 -33.41 25.69
CA TYR B 219 25.46 -32.07 26.04
C TYR B 219 25.50 -31.22 24.80
N ILE B 220 24.95 -29.99 24.90
CA ILE B 220 25.14 -29.02 23.82
C ILE B 220 26.16 -28.05 24.36
N ARG B 221 27.34 -28.10 23.75
CA ARG B 221 28.49 -27.24 24.03
C ARG B 221 29.07 -26.81 22.69
N PRO B 222 28.59 -25.72 22.07
CA PRO B 222 29.12 -25.18 20.83
C PRO B 222 30.44 -24.48 21.14
N PRO B 223 31.55 -24.86 20.51
CA PRO B 223 32.89 -24.36 20.80
C PRO B 223 33.04 -22.86 20.92
N MET B 224 32.62 -22.21 19.84
CA MET B 224 32.63 -20.75 19.73
C MET B 224 31.80 -20.09 20.82
N ASN B 225 31.05 -20.83 21.66
CA ASN B 225 30.22 -20.29 22.72
C ASN B 225 30.58 -20.87 24.08
N ILE B 226 31.76 -21.45 24.21
CA ILE B 226 32.23 -21.77 25.55
C ILE B 226 33.03 -20.48 25.83
N LEU B 227 32.36 -19.61 26.59
CA LEU B 227 32.79 -18.26 26.88
C LEU B 227 32.44 -17.89 28.30
N SER B 228 33.28 -17.17 29.01
CA SER B 228 33.05 -16.73 30.38
C SER B 228 32.19 -15.50 30.35
N GLN B 229 31.87 -14.96 31.55
CA GLN B 229 31.02 -13.79 31.64
C GLN B 229 31.70 -12.58 30.97
N LYS B 230 32.99 -12.35 31.26
CA LYS B 230 33.71 -11.25 30.64
C LYS B 230 33.83 -11.33 29.15
N GLU B 231 34.07 -12.50 28.59
CA GLU B 231 34.23 -12.70 27.15
C GLU B 231 33.09 -12.27 26.25
N VAL B 232 31.96 -12.46 26.95
CA VAL B 232 30.58 -12.29 26.54
C VAL B 232 30.10 -10.86 26.69
N ILE B 233 30.44 -10.24 27.83
CA ILE B 233 30.28 -8.81 28.05
C ILE B 233 31.11 -8.17 26.93
N GLN B 234 32.40 -8.55 26.82
CA GLN B 234 33.28 -8.04 25.77
C GLN B 234 32.69 -8.03 24.38
N ILE B 235 31.81 -8.99 24.08
CA ILE B 235 31.17 -9.05 22.79
C ILE B 235 30.11 -7.98 22.70
N TRP B 236 29.36 -7.64 23.76
CA TRP B 236 28.39 -6.55 23.60
C TRP B 236 28.97 -5.14 23.66
N GLU B 237 30.05 -4.98 24.39
CA GLU B 237 30.87 -3.78 24.38
C GLU B 237 31.60 -3.64 23.04
N ARG B 238 31.68 -4.67 22.19
CA ARG B 238 32.31 -4.61 20.86
C ARG B 238 31.26 -4.58 19.76
N LEU B 239 30.01 -4.53 20.21
CA LEU B 239 28.89 -4.40 19.30
C LEU B 239 28.23 -3.06 19.60
N SER B 240 27.95 -2.77 20.87
CA SER B 240 27.38 -1.48 21.28
C SER B 240 28.48 -0.46 21.67
N GLU B 241 29.72 -0.80 21.35
CA GLU B 241 30.92 0.00 21.59
C GLU B 241 31.26 0.59 22.95
N GLN B 242 30.51 0.43 24.05
CA GLN B 242 30.89 1.04 25.32
C GLN B 242 32.01 0.28 26.03
N ASN B 243 32.11 0.38 27.38
CA ASN B 243 33.06 -0.31 28.23
C ASN B 243 32.67 -0.24 29.72
N LEU B 244 31.35 -0.37 29.85
CA LEU B 244 30.59 -0.50 31.09
C LEU B 244 31.37 -0.76 32.38
N ASP B 245 31.29 0.16 33.35
CA ASP B 245 31.98 0.11 34.63
C ASP B 245 31.85 -1.25 35.30
N LYS B 246 32.94 -1.99 35.14
CA LYS B 246 33.03 -3.31 35.69
C LYS B 246 33.18 -3.28 37.19
N ILE B 247 32.22 -3.90 37.89
CA ILE B 247 32.28 -4.05 39.33
C ILE B 247 32.11 -5.54 39.67
N TYR B 248 32.96 -6.07 40.58
CA TYR B 248 32.98 -7.48 40.96
C TYR B 248 32.46 -7.74 42.36
N ILE B 249 32.20 -9.06 42.65
CA ILE B 249 31.52 -9.57 43.86
C ILE B 249 32.41 -10.36 44.85
N SER B 250 32.88 -11.52 44.36
CA SER B 250 33.73 -12.51 45.03
C SER B 250 33.04 -13.20 46.20
N SER B 251 32.32 -14.19 45.66
CA SER B 251 31.46 -15.19 46.29
C SER B 251 30.69 -14.77 47.53
N GLN B 252 31.42 -14.95 48.65
CA GLN B 252 31.02 -14.79 50.04
C GLN B 252 30.04 -13.68 50.24
N ASP B 253 30.43 -12.50 49.75
CA ASP B 253 29.65 -11.29 49.92
C ASP B 253 28.27 -11.42 49.33
N PHE B 254 28.02 -11.67 48.03
CA PHE B 254 26.62 -11.78 47.68
C PHE B 254 26.12 -13.20 47.76
N LEU B 255 26.85 -14.04 48.49
CA LEU B 255 26.33 -15.33 48.84
C LEU B 255 25.66 -15.12 50.20
N ALA B 256 26.04 -14.08 50.92
CA ALA B 256 25.41 -13.65 52.18
C ALA B 256 24.27 -12.66 51.88
N ASP B 257 24.60 -11.82 50.91
CA ASP B 257 23.64 -10.90 50.39
C ASP B 257 22.64 -11.72 49.59
N MET B 258 23.00 -12.97 49.26
CA MET B 258 22.00 -13.90 48.79
C MET B 258 21.24 -14.50 49.96
N LYS B 259 21.88 -15.18 50.95
CA LYS B 259 21.13 -15.79 52.03
C LYS B 259 20.47 -14.85 53.05
N ASP B 260 20.29 -13.57 52.65
CA ASP B 260 19.30 -12.73 53.34
C ASP B 260 18.00 -12.90 52.52
N LYS B 261 17.99 -12.72 51.18
CA LYS B 261 16.84 -12.88 50.28
C LYS B 261 16.29 -14.30 50.25
N SER B 262 14.97 -14.47 50.02
CA SER B 262 14.32 -15.76 50.21
C SER B 262 14.36 -16.93 49.19
N TYR B 263 13.40 -17.88 49.15
CA TYR B 263 13.39 -19.10 48.32
C TYR B 263 13.60 -19.09 46.81
N GLU B 264 12.71 -18.71 45.87
CA GLU B 264 13.04 -18.65 44.43
C GLU B 264 14.19 -17.70 44.16
N GLU B 265 14.31 -16.72 45.07
CA GLU B 265 15.33 -15.71 45.12
C GLU B 265 16.68 -16.42 45.27
N LYS B 266 16.89 -17.26 46.29
CA LYS B 266 18.12 -18.03 46.44
C LYS B 266 18.30 -19.12 45.38
N ILE B 267 17.21 -19.60 44.75
CA ILE B 267 17.25 -20.63 43.72
C ILE B 267 17.95 -20.10 42.47
N VAL B 268 17.51 -18.96 41.92
CA VAL B 268 18.11 -18.39 40.72
C VAL B 268 19.54 -17.91 40.96
N ARG B 269 19.75 -17.49 42.23
CA ARG B 269 21.05 -17.03 42.67
C ARG B 269 22.01 -18.18 42.84
N CYS B 270 21.63 -19.26 43.53
CA CYS B 270 22.41 -20.51 43.62
C CYS B 270 22.69 -21.09 42.24
N HIS B 271 21.90 -20.74 41.21
CA HIS B 271 22.11 -21.30 39.89
C HIS B 271 23.11 -20.48 39.12
N LEU B 272 23.19 -19.15 39.31
CA LEU B 272 24.27 -18.35 38.75
C LEU B 272 25.56 -18.63 39.51
N TYR B 273 25.46 -18.81 40.84
CA TYR B 273 26.56 -19.09 41.73
C TYR B 273 26.87 -20.57 41.66
N GLN B 274 27.06 -21.13 40.46
CA GLN B 274 27.14 -22.56 40.23
C GLN B 274 27.78 -22.70 38.87
N ILE B 275 27.36 -21.74 38.01
CA ILE B 275 27.85 -21.61 36.65
C ILE B 275 29.12 -20.75 36.62
N PHE B 276 28.97 -19.60 37.30
CA PHE B 276 29.96 -18.55 37.38
C PHE B 276 30.79 -18.68 38.63
N PHE B 277 30.30 -18.81 39.87
CA PHE B 277 31.25 -19.05 40.95
C PHE B 277 31.72 -20.49 41.03
N ARG B 278 30.86 -21.53 40.97
CA ARG B 278 31.29 -22.94 41.03
C ARG B 278 31.78 -23.55 39.72
N GLY B 279 31.26 -23.21 38.51
CA GLY B 279 31.81 -23.67 37.21
C GLY B 279 31.23 -24.91 36.52
N ASP B 280 30.17 -25.46 37.14
CA ASP B 280 29.47 -26.69 36.78
C ASP B 280 28.94 -26.94 35.39
N LEU B 281 29.11 -26.00 34.48
CA LEU B 281 28.66 -26.18 33.10
C LEU B 281 29.78 -26.71 32.22
N TYR B 282 31.07 -26.56 32.56
CA TYR B 282 32.11 -26.99 31.63
C TYR B 282 33.31 -27.60 32.33
N ASN B 283 33.35 -27.52 33.66
CA ASN B 283 34.43 -28.04 34.46
C ASN B 283 34.71 -29.54 34.44
N PHE B 284 33.98 -30.34 33.65
CA PHE B 284 34.09 -31.79 33.71
C PHE B 284 34.21 -32.60 32.43
N GLU B 285 34.44 -33.89 32.64
CA GLU B 285 34.47 -34.80 31.52
C GLU B 285 33.02 -35.22 31.25
N ILE B 286 32.65 -35.16 29.96
CA ILE B 286 31.35 -35.60 29.44
C ILE B 286 31.04 -37.04 29.84
N GLY B 287 31.84 -37.95 29.27
CA GLY B 287 31.67 -39.33 29.63
C GLY B 287 31.28 -40.29 28.52
N PRO B 288 31.13 -41.56 28.95
CA PRO B 288 30.76 -42.73 28.14
C PRO B 288 29.24 -42.89 27.98
N ASN B 289 28.58 -42.54 29.08
CA ASN B 289 27.14 -42.45 29.08
C ASN B 289 26.68 -41.14 28.49
N ALA B 290 27.50 -40.49 27.63
CA ALA B 290 27.19 -39.19 27.02
C ALA B 290 27.72 -38.91 25.61
N ILE B 291 27.08 -37.89 25.00
CA ILE B 291 27.42 -37.36 23.68
C ILE B 291 27.29 -35.84 23.59
N GLU B 292 28.02 -35.24 22.63
CA GLU B 292 27.98 -33.81 22.37
C GLU B 292 27.38 -33.45 21.01
N ALA B 293 26.31 -32.71 21.21
CA ALA B 293 25.44 -32.27 20.15
C ALA B 293 25.96 -31.59 18.90
N THR B 294 26.99 -30.77 19.00
CA THR B 294 27.44 -30.02 17.82
C THR B 294 28.45 -30.80 17.00
N LYS B 295 29.02 -31.84 17.62
CA LYS B 295 29.92 -32.77 16.96
C LYS B 295 29.08 -33.85 16.30
N LEU B 296 27.98 -34.32 16.92
CA LEU B 296 27.12 -35.30 16.25
C LEU B 296 26.40 -34.70 15.06
N TYR B 297 25.92 -33.44 15.18
CA TYR B 297 25.10 -32.81 14.14
C TYR B 297 25.81 -31.66 13.46
N PRO B 298 26.71 -31.95 12.53
CA PRO B 298 27.63 -30.98 11.96
C PRO B 298 27.03 -29.99 10.95
N GLU B 299 25.93 -30.45 10.34
CA GLU B 299 25.20 -29.69 9.33
C GLU B 299 24.30 -28.62 9.94
N VAL B 300 24.11 -28.71 11.28
CA VAL B 300 23.37 -27.71 12.03
C VAL B 300 24.40 -26.67 12.43
N LYS B 301 24.28 -25.49 11.81
CA LYS B 301 25.14 -24.39 12.18
C LYS B 301 24.50 -23.59 13.28
N TYR B 302 25.18 -23.62 14.45
CA TYR B 302 24.80 -22.80 15.60
C TYR B 302 25.18 -21.32 15.43
N VAL B 303 24.41 -20.62 16.26
CA VAL B 303 24.48 -19.18 16.43
C VAL B 303 25.40 -18.89 17.62
N THR B 304 26.44 -18.13 17.26
CA THR B 304 27.43 -17.63 18.20
C THR B 304 26.86 -16.38 18.87
N MET B 305 27.28 -16.11 20.11
CA MET B 305 26.87 -14.94 20.86
C MET B 305 27.21 -13.63 20.19
N ASP B 306 28.00 -13.71 19.11
CA ASP B 306 28.25 -12.58 18.26
C ASP B 306 26.89 -12.26 17.68
N SER B 307 26.31 -13.13 16.87
CA SER B 307 25.04 -12.91 16.21
C SER B 307 23.79 -12.87 17.07
N TYR B 308 23.99 -13.35 18.31
CA TYR B 308 22.93 -13.45 19.26
C TYR B 308 22.74 -12.07 19.82
N LEU B 309 23.72 -11.51 20.53
CA LEU B 309 23.59 -10.17 21.06
C LEU B 309 23.59 -9.05 20.02
N GLU B 310 23.50 -9.43 18.72
CA GLU B 310 23.41 -8.60 17.52
C GLU B 310 21.94 -8.35 17.13
N ARG B 311 21.10 -8.40 18.16
CA ARG B 311 19.65 -8.32 18.00
C ARG B 311 19.09 -7.40 19.09
N TYR B 312 19.85 -7.35 20.18
CA TYR B 312 19.62 -6.50 21.32
C TYR B 312 20.21 -5.09 21.10
N VAL B 313 20.97 -4.89 20.03
CA VAL B 313 21.61 -3.62 19.77
C VAL B 313 20.64 -2.65 19.09
N ASP C 2 -20.38 34.57 28.57
CA ASP C 2 -20.71 35.76 29.34
C ASP C 2 -19.65 36.13 30.40
N LYS C 3 -19.44 37.46 30.51
CA LYS C 3 -18.50 38.22 31.37
C LYS C 3 -17.02 38.28 30.92
N LYS C 4 -16.54 39.54 30.90
CA LYS C 4 -15.18 39.99 30.62
C LYS C 4 -14.04 39.25 29.91
N SER C 5 -14.36 38.39 28.95
CA SER C 5 -13.32 37.85 28.08
C SER C 5 -13.34 38.85 26.95
N ARG C 6 -12.16 39.17 26.46
CA ARG C 6 -12.01 40.14 25.40
C ARG C 6 -12.24 39.48 24.07
N VAL C 7 -13.33 39.80 23.41
CA VAL C 7 -13.65 39.16 22.14
C VAL C 7 -13.17 40.03 20.99
N LEU C 8 -12.51 39.48 19.95
CA LEU C 8 -12.22 40.22 18.72
C LEU C 8 -13.38 39.85 17.83
N ILE C 9 -14.00 40.75 17.05
CA ILE C 9 -15.09 40.36 16.16
C ILE C 9 -14.82 40.67 14.69
N VAL C 10 -14.55 39.61 13.93
CA VAL C 10 -14.29 39.66 12.52
C VAL C 10 -15.68 39.59 11.91
N GLY C 11 -15.85 40.29 10.79
CA GLY C 11 -17.13 40.40 10.08
C GLY C 11 -18.23 41.07 10.85
N GLY C 12 -17.83 42.02 11.71
CA GLY C 12 -18.66 42.76 12.67
C GLY C 12 -19.63 43.81 12.15
N THR C 13 -19.66 44.15 10.86
CA THR C 13 -20.69 45.03 10.30
C THR C 13 -21.66 44.35 9.34
N GLY C 14 -21.53 43.04 9.06
CA GLY C 14 -22.50 42.29 8.27
C GLY C 14 -23.78 41.95 9.05
N TYR C 15 -24.82 41.39 8.41
CA TYR C 15 -26.15 41.17 9.00
C TYR C 15 -26.19 40.56 10.37
N ILE C 16 -25.50 39.43 10.56
CA ILE C 16 -25.51 38.86 11.89
C ILE C 16 -24.35 39.38 12.72
N GLY C 17 -23.23 39.76 12.08
CA GLY C 17 -22.07 40.39 12.70
C GLY C 17 -22.43 41.51 13.70
N LYS C 18 -23.23 42.52 13.28
CA LYS C 18 -23.62 43.63 14.17
C LYS C 18 -24.23 43.21 15.50
N ARG C 19 -25.11 42.22 15.35
CA ARG C 19 -25.90 41.54 16.34
C ARG C 19 -25.12 40.84 17.43
N ILE C 20 -23.95 40.33 17.06
CA ILE C 20 -23.03 39.65 17.96
C ILE C 20 -22.19 40.73 18.66
N VAL C 21 -22.06 41.94 18.05
CA VAL C 21 -21.26 43.01 18.65
C VAL C 21 -22.05 43.61 19.83
N ASN C 22 -23.33 43.87 19.62
CA ASN C 22 -24.20 44.41 20.66
C ASN C 22 -24.20 43.59 21.92
N ALA C 23 -24.36 42.29 21.62
CA ALA C 23 -24.41 41.21 22.56
C ALA C 23 -23.08 41.13 23.25
N SER C 24 -21.98 41.10 22.51
CA SER C 24 -20.67 41.13 23.13
C SER C 24 -20.57 42.20 24.22
N ILE C 25 -20.83 43.44 23.78
CA ILE C 25 -20.82 44.58 24.68
C ILE C 25 -21.79 44.32 25.84
N SER C 26 -23.08 44.07 25.54
CA SER C 26 -24.11 43.84 26.55
C SER C 26 -23.76 42.81 27.58
N LEU C 27 -23.18 41.70 27.13
CA LEU C 27 -22.79 40.68 28.08
C LEU C 27 -21.43 40.86 28.80
N GLY C 28 -20.88 42.08 28.73
CA GLY C 28 -19.75 42.52 29.54
C GLY C 28 -18.34 42.24 29.06
N HIS C 29 -18.22 42.08 27.75
CA HIS C 29 -16.93 41.77 27.16
C HIS C 29 -16.31 42.99 26.48
N PRO C 30 -15.03 43.28 26.74
CA PRO C 30 -14.21 44.14 25.91
C PRO C 30 -14.18 43.66 24.47
N THR C 31 -15.00 44.41 23.79
CA THR C 31 -15.29 44.12 22.43
C THR C 31 -14.21 44.73 21.58
N TYR C 32 -13.63 43.96 20.67
CA TYR C 32 -12.63 44.51 19.80
C TYR C 32 -13.06 44.23 18.39
N VAL C 33 -13.53 45.27 17.69
CA VAL C 33 -13.99 45.04 16.33
C VAL C 33 -12.93 45.19 15.25
N LEU C 34 -12.60 44.08 14.59
CA LEU C 34 -11.69 44.11 13.46
C LEU C 34 -12.50 44.58 12.29
N PHE C 35 -11.89 45.46 11.50
CA PHE C 35 -12.47 45.84 10.23
C PHE C 35 -11.46 46.11 9.11
N ARG C 36 -11.74 45.48 7.95
CA ARG C 36 -11.05 45.76 6.70
C ARG C 36 -11.36 47.23 6.37
N PRO C 37 -10.65 47.89 5.49
CA PRO C 37 -11.20 48.89 4.60
C PRO C 37 -12.58 48.70 3.95
N GLU C 38 -13.57 48.94 4.81
CA GLU C 38 -14.96 49.17 4.46
C GLU C 38 -15.29 50.66 4.57
N VAL C 39 -14.20 51.30 4.98
CA VAL C 39 -13.88 52.70 5.04
C VAL C 39 -13.99 53.07 3.58
N VAL C 40 -13.08 52.42 2.78
CA VAL C 40 -12.94 52.50 1.31
C VAL C 40 -14.29 52.77 0.66
N SER C 41 -15.22 51.87 1.01
CA SER C 41 -16.57 51.91 0.52
C SER C 41 -17.52 52.72 1.42
N ASN C 42 -18.17 52.01 2.35
CA ASN C 42 -19.34 52.47 3.08
C ASN C 42 -19.37 53.27 4.37
N ILE C 43 -20.20 54.28 4.12
CA ILE C 43 -20.67 55.35 4.99
C ILE C 43 -21.42 54.77 6.16
N ASP C 44 -22.33 53.81 5.85
CA ASP C 44 -23.15 53.17 6.87
C ASP C 44 -22.40 52.12 7.69
N LYS C 45 -21.46 51.46 7.02
CA LYS C 45 -20.58 50.58 7.73
C LYS C 45 -19.74 51.43 8.67
N VAL C 46 -19.15 52.56 8.23
CA VAL C 46 -18.29 53.41 9.05
C VAL C 46 -19.11 54.01 10.17
N GLN C 47 -20.32 54.49 9.89
CA GLN C 47 -21.16 55.02 10.97
C GLN C 47 -21.57 53.96 11.99
N MET C 48 -21.67 52.69 11.54
CA MET C 48 -22.01 51.51 12.34
C MET C 48 -20.87 51.22 13.27
N LEU C 49 -19.64 51.26 12.74
CA LEU C 49 -18.47 51.05 13.54
C LEU C 49 -18.36 52.11 14.61
N LEU C 50 -18.44 53.40 14.26
CA LEU C 50 -18.33 54.50 15.22
C LEU C 50 -19.46 54.38 16.25
N TYR C 51 -20.60 53.73 15.91
CA TYR C 51 -21.67 53.44 16.88
C TYR C 51 -21.18 52.47 17.94
N PHE C 52 -20.44 51.44 17.51
CA PHE C 52 -19.84 50.43 18.37
C PHE C 52 -18.87 51.07 19.30
N LYS C 53 -17.99 51.84 18.66
CA LYS C 53 -16.97 52.67 19.29
C LYS C 53 -17.62 53.48 20.41
N GLN C 54 -18.72 54.15 20.09
CA GLN C 54 -19.47 54.95 21.02
C GLN C 54 -20.06 54.20 22.21
N LEU C 55 -20.62 53.02 21.92
CA LEU C 55 -21.32 52.12 22.83
C LEU C 55 -20.43 51.39 23.87
N GLY C 56 -19.14 51.19 23.56
CA GLY C 56 -18.08 50.64 24.42
C GLY C 56 -16.88 50.04 23.65
N ALA C 57 -17.00 49.65 22.37
CA ALA C 57 -15.95 48.93 21.61
C ALA C 57 -14.71 49.65 21.09
N LYS C 58 -13.66 48.87 20.86
CA LYS C 58 -12.39 49.40 20.44
C LYS C 58 -12.04 48.92 19.05
N LEU C 59 -11.73 49.82 18.12
CA LEU C 59 -11.59 49.48 16.73
C LEU C 59 -10.20 49.15 16.25
N ILE C 60 -10.09 48.04 15.49
CA ILE C 60 -8.83 47.62 14.90
C ILE C 60 -9.11 47.52 13.43
N GLU C 61 -8.40 48.28 12.65
CA GLU C 61 -8.53 48.20 11.22
C GLU C 61 -7.30 47.43 10.82
N ALA C 62 -7.54 46.43 9.98
CA ALA C 62 -6.54 45.50 9.54
C ALA C 62 -7.18 44.62 8.52
N SER C 63 -6.47 44.31 7.44
CA SER C 63 -7.02 43.44 6.43
C SER C 63 -6.91 41.99 6.89
N LEU C 64 -7.30 41.04 6.03
CA LEU C 64 -7.10 39.64 6.37
C LEU C 64 -5.86 39.13 5.66
N ASP C 65 -5.40 39.98 4.72
CA ASP C 65 -4.18 39.78 3.96
C ASP C 65 -2.93 40.16 4.72
N ASP C 66 -3.04 40.74 5.92
CA ASP C 66 -1.84 41.12 6.63
C ASP C 66 -1.71 40.55 8.01
N HIS C 67 -0.84 39.56 7.87
CA HIS C 67 -0.42 38.72 8.95
C HIS C 67 0.18 39.42 10.16
N GLN C 68 0.97 40.50 9.95
CA GLN C 68 1.55 41.27 11.03
C GLN C 68 0.47 41.88 11.93
N ARG C 69 -0.42 42.67 11.32
CA ARG C 69 -1.49 43.41 12.00
C ARG C 69 -2.41 42.45 12.74
N LEU C 70 -2.78 41.38 12.02
CA LEU C 70 -3.64 40.32 12.51
C LEU C 70 -3.12 39.58 13.73
N VAL C 71 -1.89 39.05 13.70
CA VAL C 71 -1.33 38.30 14.81
C VAL C 71 -1.23 39.15 16.07
N ASP C 72 -0.78 40.38 15.82
CA ASP C 72 -0.61 41.33 16.89
C ASP C 72 -1.95 41.89 17.40
N ALA C 73 -2.95 42.10 16.54
CA ALA C 73 -4.29 42.57 16.93
C ALA C 73 -5.12 41.63 17.80
N LEU C 74 -4.70 40.40 17.62
CA LEU C 74 -5.27 39.21 18.19
C LEU C 74 -4.65 38.81 19.50
N LYS C 75 -3.40 39.22 19.71
CA LYS C 75 -2.72 38.94 20.96
C LYS C 75 -3.25 39.77 22.13
N GLN C 76 -4.16 40.71 21.81
CA GLN C 76 -4.79 41.56 22.79
C GLN C 76 -5.99 40.93 23.47
N VAL C 77 -6.69 40.18 22.64
CA VAL C 77 -7.91 39.46 22.99
C VAL C 77 -7.76 37.99 23.45
N ASP C 78 -8.89 37.35 23.79
CA ASP C 78 -8.90 35.90 24.07
C ASP C 78 -9.84 34.99 23.28
N VAL C 79 -10.83 35.55 22.55
CA VAL C 79 -11.86 34.79 21.83
C VAL C 79 -11.99 35.48 20.48
N VAL C 80 -11.77 34.90 19.30
CA VAL C 80 -12.13 35.53 18.02
C VAL C 80 -13.53 34.99 17.60
N ILE C 81 -14.32 35.81 16.86
CA ILE C 81 -15.66 35.46 16.41
C ILE C 81 -15.85 36.11 15.06
N SER C 82 -15.88 35.20 14.10
CA SER C 82 -16.02 35.53 12.70
C SER C 82 -17.47 35.35 12.31
N ALA C 83 -17.95 36.38 11.60
CA ALA C 83 -19.31 36.44 11.06
C ALA C 83 -19.32 37.01 9.65
N LEU C 84 -18.23 36.61 8.96
CA LEU C 84 -17.86 36.95 7.60
C LEU C 84 -18.87 36.53 6.58
N ALA C 85 -19.60 37.60 6.27
CA ALA C 85 -20.74 37.55 5.40
C ALA C 85 -20.50 37.55 3.90
N GLY C 86 -21.61 37.75 3.17
CA GLY C 86 -21.74 37.61 1.73
C GLY C 86 -21.91 36.12 1.36
N GLY C 87 -22.89 35.81 0.49
CA GLY C 87 -23.11 34.47 -0.06
C GLY C 87 -22.32 34.34 -1.37
N VAL C 88 -22.28 35.48 -2.10
CA VAL C 88 -21.45 35.70 -3.28
C VAL C 88 -20.04 35.85 -2.70
N LEU C 89 -20.01 36.45 -1.49
CA LEU C 89 -18.82 36.58 -0.70
C LEU C 89 -18.66 35.36 0.20
N SER C 90 -18.46 34.21 -0.46
CA SER C 90 -18.13 32.91 0.17
C SER C 90 -16.61 32.69 0.09
N HIS C 91 -15.95 33.61 -0.65
CA HIS C 91 -14.49 33.77 -0.68
C HIS C 91 -14.11 34.18 0.75
N HIS C 92 -15.03 34.89 1.39
CA HIS C 92 -14.94 35.33 2.75
C HIS C 92 -15.10 34.21 3.76
N ILE C 93 -15.35 32.98 3.31
CA ILE C 93 -15.33 31.86 4.24
C ILE C 93 -13.88 31.36 4.24
N LEU C 94 -13.32 31.32 3.02
CA LEU C 94 -11.96 30.95 2.78
C LEU C 94 -10.96 32.09 2.91
N GLU C 95 -11.40 33.00 3.76
CA GLU C 95 -10.69 34.19 4.19
C GLU C 95 -10.16 33.85 5.57
N GLN C 96 -11.00 33.09 6.30
CA GLN C 96 -10.80 32.58 7.66
C GLN C 96 -9.74 31.52 7.75
N LEU C 97 -9.17 31.22 6.58
CA LEU C 97 -8.05 30.32 6.42
C LEU C 97 -6.81 31.18 6.77
N LYS C 98 -6.71 32.41 6.22
CA LYS C 98 -5.65 33.36 6.54
C LYS C 98 -5.71 33.70 8.03
N LEU C 99 -6.89 34.02 8.53
CA LEU C 99 -7.07 34.34 9.92
C LEU C 99 -6.63 33.16 10.79
N VAL C 100 -7.00 31.87 10.56
CA VAL C 100 -6.65 30.74 11.44
C VAL C 100 -5.16 30.52 11.54
N GLU C 101 -4.50 30.84 10.43
CA GLU C 101 -3.07 30.79 10.36
C GLU C 101 -2.44 31.97 11.10
N ALA C 102 -3.22 32.72 11.90
CA ALA C 102 -2.74 33.81 12.71
C ALA C 102 -3.29 33.62 14.11
N ILE C 103 -4.33 32.78 14.24
CA ILE C 103 -4.98 32.52 15.52
C ILE C 103 -4.19 31.50 16.31
N LYS C 104 -3.35 30.79 15.54
CA LYS C 104 -2.46 29.74 16.02
C LYS C 104 -1.04 30.28 16.14
N GLU C 105 -0.68 31.08 15.12
CA GLU C 105 0.59 31.79 15.03
C GLU C 105 0.76 32.81 16.15
N ALA C 106 -0.30 33.20 16.85
CA ALA C 106 -0.21 34.05 18.03
C ALA C 106 -0.68 33.31 19.28
N GLY C 107 -1.05 32.04 19.12
CA GLY C 107 -1.61 31.22 20.20
C GLY C 107 -2.81 31.94 20.84
N ASN C 108 -2.55 32.18 22.14
CA ASN C 108 -3.39 32.98 23.03
C ASN C 108 -4.91 32.72 23.11
N ILE C 109 -5.58 32.51 21.96
CA ILE C 109 -7.03 32.35 21.90
C ILE C 109 -7.48 31.05 22.51
N LYS C 110 -8.44 31.27 23.41
CA LYS C 110 -9.07 30.24 24.21
C LYS C 110 -10.35 29.70 23.60
N ARG C 111 -10.91 30.27 22.51
CA ARG C 111 -12.15 29.77 21.89
C ARG C 111 -12.45 30.45 20.58
N PHE C 112 -12.15 29.88 19.41
CA PHE C 112 -12.55 30.53 18.18
C PHE C 112 -13.82 29.89 17.61
N LEU C 113 -14.88 30.71 17.38
CA LEU C 113 -16.07 30.26 16.71
C LEU C 113 -16.34 30.86 15.31
N PRO C 114 -16.13 30.15 14.18
CA PRO C 114 -16.21 30.75 12.84
C PRO C 114 -17.54 31.21 12.22
N SER C 115 -17.47 31.64 10.96
CA SER C 115 -18.63 32.12 10.26
C SER C 115 -19.43 30.93 9.81
N GLU C 116 -20.30 30.66 10.78
CA GLU C 116 -21.32 29.61 10.75
C GLU C 116 -22.72 30.24 10.66
N PHE C 117 -23.50 30.17 11.76
CA PHE C 117 -24.80 30.83 11.90
C PHE C 117 -25.89 30.44 10.92
N GLY C 118 -25.93 29.20 10.45
CA GLY C 118 -26.99 28.76 9.54
C GLY C 118 -27.18 27.28 9.64
N MET C 119 -26.93 26.61 8.51
CA MET C 119 -26.96 25.15 8.49
C MET C 119 -25.61 24.56 8.77
N ASP C 120 -25.64 23.44 9.52
CA ASP C 120 -24.46 22.64 9.89
C ASP C 120 -23.92 21.97 8.62
N PRO C 121 -22.75 22.33 8.10
CA PRO C 121 -22.19 21.75 6.88
C PRO C 121 -21.60 20.37 7.06
N ASP C 122 -21.37 19.99 8.32
CA ASP C 122 -20.80 18.70 8.65
C ASP C 122 -21.76 17.53 8.54
N ILE C 123 -23.05 17.91 8.52
CA ILE C 123 -24.24 17.08 8.27
C ILE C 123 -24.11 16.80 6.78
N MET C 124 -23.05 15.97 6.57
CA MET C 124 -22.34 15.70 5.34
C MET C 124 -23.21 15.85 4.15
N GLU C 125 -23.14 17.16 3.84
CA GLU C 125 -23.97 17.73 2.83
C GLU C 125 -23.53 17.31 1.41
N HIS C 126 -24.69 16.64 1.26
CA HIS C 126 -25.42 15.95 0.18
C HIS C 126 -26.23 16.94 -0.66
N ALA C 127 -26.04 18.15 -0.15
CA ALA C 127 -26.61 19.39 -0.59
C ALA C 127 -26.43 19.54 -2.07
N LEU C 128 -27.45 20.16 -2.62
CA LEU C 128 -27.49 20.31 -4.06
C LEU C 128 -26.42 21.24 -4.60
N GLN C 129 -25.94 20.88 -5.79
CA GLN C 129 -25.04 21.73 -6.50
C GLN C 129 -25.89 22.86 -7.05
N PRO C 130 -25.61 24.19 -6.86
CA PRO C 130 -24.37 24.74 -6.34
C PRO C 130 -24.36 25.17 -4.89
N GLY C 131 -25.48 25.27 -4.19
CA GLY C 131 -25.47 25.69 -2.78
C GLY C 131 -24.57 24.90 -1.85
N SER C 132 -24.16 23.64 -2.14
CA SER C 132 -23.22 22.91 -1.30
C SER C 132 -21.88 23.59 -1.22
N ILE C 133 -21.62 24.45 -2.21
CA ILE C 133 -20.38 25.17 -2.40
C ILE C 133 -20.42 26.45 -1.58
N THR C 134 -20.70 26.13 -0.32
CA THR C 134 -20.87 26.99 0.83
C THR C 134 -20.40 26.08 1.91
N PHE C 135 -21.03 24.92 2.03
CA PHE C 135 -20.72 23.96 3.07
C PHE C 135 -19.34 23.37 2.85
N ILE C 136 -18.84 23.44 1.60
CA ILE C 136 -17.54 22.91 1.27
C ILE C 136 -16.48 23.80 1.91
N ASP C 137 -16.63 25.10 1.68
CA ASP C 137 -15.73 26.14 2.14
C ASP C 137 -15.70 26.18 3.64
N LYS C 138 -16.84 26.01 4.29
CA LYS C 138 -16.92 26.04 5.73
C LYS C 138 -16.56 24.70 6.31
N ARG C 139 -16.55 23.57 5.56
CA ARG C 139 -16.10 22.31 6.13
C ARG C 139 -14.58 22.31 6.07
N LYS C 140 -13.95 23.07 5.12
CA LYS C 140 -12.49 23.34 4.98
C LYS C 140 -11.85 24.11 6.12
N VAL C 141 -12.66 24.92 6.77
CA VAL C 141 -12.25 25.74 7.89
C VAL C 141 -12.31 24.95 9.16
N ARG C 142 -13.49 24.34 9.40
CA ARG C 142 -13.68 23.46 10.55
C ARG C 142 -12.55 22.43 10.72
N ARG C 143 -12.17 21.75 9.63
CA ARG C 143 -11.05 20.81 9.66
C ARG C 143 -9.76 21.56 9.92
N ALA C 144 -9.64 22.80 9.41
CA ALA C 144 -8.44 23.59 9.63
C ALA C 144 -8.34 23.99 11.08
N ILE C 145 -9.43 24.45 11.71
CA ILE C 145 -9.40 24.74 13.14
C ILE C 145 -8.93 23.53 13.95
N GLU C 146 -9.52 22.38 13.61
CA GLU C 146 -9.30 21.10 14.29
C GLU C 146 -7.89 20.43 14.25
N ALA C 147 -7.19 20.42 13.09
CA ALA C 147 -5.88 19.77 12.94
C ALA C 147 -4.72 20.58 13.49
N ALA C 148 -5.05 21.89 13.43
CA ALA C 148 -4.28 23.02 13.92
C ALA C 148 -4.43 23.20 15.42
N SER C 149 -5.19 22.28 16.00
CA SER C 149 -5.46 22.16 17.41
C SER C 149 -5.93 23.48 18.01
N ILE C 150 -6.63 24.30 17.19
CA ILE C 150 -7.22 25.57 17.64
C ILE C 150 -8.49 25.16 18.39
N PRO C 151 -8.81 25.67 19.60
CA PRO C 151 -10.11 25.49 20.28
C PRO C 151 -11.30 26.14 19.57
N TYR C 152 -12.54 25.67 19.80
CA TYR C 152 -13.70 26.20 19.10
C TYR C 152 -15.05 26.02 19.74
N THR C 153 -16.09 26.41 18.99
CA THR C 153 -17.52 26.24 19.26
C THR C 153 -18.12 26.57 17.93
N TYR C 154 -18.92 25.67 17.36
CA TYR C 154 -19.49 25.95 16.07
C TYR C 154 -20.92 26.31 16.28
N VAL C 155 -21.33 27.56 16.04
CA VAL C 155 -22.74 27.86 16.25
C VAL C 155 -23.58 27.61 15.01
N SER C 156 -24.45 26.59 15.07
CA SER C 156 -25.41 26.31 14.02
C SER C 156 -26.76 26.89 14.50
N SER C 157 -27.33 27.83 13.73
CA SER C 157 -28.45 28.60 14.27
C SER C 157 -29.68 28.66 13.43
N ASN C 158 -29.60 28.03 12.25
CA ASN C 158 -30.69 27.92 11.29
C ASN C 158 -31.05 29.24 10.64
N MET C 159 -32.33 29.43 10.29
CA MET C 159 -32.85 30.60 9.57
C MET C 159 -32.99 31.86 10.38
N PHE C 160 -32.32 32.95 9.96
CA PHE C 160 -32.46 34.25 10.59
C PHE C 160 -33.87 34.67 10.25
N ALA C 161 -34.67 34.93 11.30
CA ALA C 161 -36.09 35.22 11.14
C ALA C 161 -36.43 36.34 10.18
N GLY C 162 -35.75 37.48 10.27
CA GLY C 162 -36.06 38.58 9.36
C GLY C 162 -35.84 38.27 7.91
N TYR C 163 -35.07 37.23 7.65
CA TYR C 163 -34.74 36.87 6.30
C TYR C 163 -35.64 35.71 5.90
N PHE C 164 -36.26 34.96 6.84
CA PHE C 164 -37.16 33.87 6.47
C PHE C 164 -38.61 33.99 6.85
N ALA C 165 -38.91 34.33 8.11
CA ALA C 165 -40.28 34.65 8.54
C ALA C 165 -40.81 35.94 7.91
N GLY C 166 -39.92 36.96 7.82
CA GLY C 166 -40.14 38.28 7.24
C GLY C 166 -40.36 38.26 5.75
N SER C 167 -39.92 37.18 5.13
CA SER C 167 -40.05 36.96 3.68
C SER C 167 -41.18 35.95 3.34
N LEU C 168 -41.45 35.12 4.38
CA LEU C 168 -42.30 33.92 4.37
C LEU C 168 -41.71 32.97 3.34
N ALA C 169 -40.38 33.04 3.39
CA ALA C 169 -39.41 32.38 2.55
C ALA C 169 -39.73 32.46 1.07
N GLN C 170 -40.25 33.62 0.67
CA GLN C 170 -40.57 33.82 -0.71
C GLN C 170 -39.38 33.90 -1.67
N LEU C 171 -39.54 34.22 -2.95
CA LEU C 171 -38.40 34.12 -3.85
C LEU C 171 -38.22 35.23 -4.89
N ASP C 172 -39.20 36.14 -4.85
CA ASP C 172 -39.18 37.39 -5.56
C ASP C 172 -38.20 38.41 -4.94
N GLY C 173 -37.69 38.09 -3.73
CA GLY C 173 -36.71 38.88 -3.03
C GLY C 173 -37.30 39.87 -2.02
N HIS C 174 -38.57 40.30 -2.16
CA HIS C 174 -39.16 41.36 -1.32
C HIS C 174 -39.34 41.03 0.15
N MET C 175 -38.34 41.42 0.92
CA MET C 175 -38.09 41.23 2.35
C MET C 175 -39.08 41.63 3.43
N MET C 176 -40.32 41.73 2.96
CA MET C 176 -41.50 41.91 3.78
C MET C 176 -42.49 40.80 3.38
N PRO C 177 -43.42 40.40 4.23
CA PRO C 177 -44.39 39.35 3.94
C PRO C 177 -45.47 39.83 2.98
N PRO C 178 -45.80 39.20 1.83
CA PRO C 178 -46.88 39.59 0.92
C PRO C 178 -48.25 39.78 1.56
N ARG C 179 -48.94 40.68 0.83
CA ARG C 179 -50.27 41.12 1.16
C ARG C 179 -51.28 40.31 0.36
N ASP C 180 -50.83 39.87 -0.85
CA ASP C 180 -51.66 39.10 -1.76
C ASP C 180 -51.25 37.67 -2.14
N LYS C 181 -50.16 37.43 -2.88
CA LYS C 181 -49.84 36.09 -3.35
C LYS C 181 -48.69 35.42 -2.61
N VAL C 182 -48.60 34.07 -2.56
CA VAL C 182 -47.48 33.41 -1.87
C VAL C 182 -47.05 32.07 -2.48
N LEU C 183 -45.77 31.62 -2.55
CA LEU C 183 -45.43 30.28 -3.02
C LEU C 183 -45.01 29.43 -1.84
N ILE C 184 -45.74 28.33 -1.73
CA ILE C 184 -45.59 27.32 -0.70
C ILE C 184 -44.66 26.24 -1.28
N TYR C 185 -43.64 25.78 -0.54
CA TYR C 185 -42.71 24.81 -1.11
C TYR C 185 -43.17 23.39 -0.84
N GLY C 186 -43.49 22.76 -1.98
CA GLY C 186 -43.99 21.39 -2.06
C GLY C 186 -45.46 21.34 -1.71
N ASP C 187 -45.62 21.13 -0.41
CA ASP C 187 -46.86 21.07 0.34
C ASP C 187 -46.76 22.01 1.54
N GLY C 188 -45.52 22.41 1.86
CA GLY C 188 -45.18 23.36 2.90
C GLY C 188 -45.34 22.81 4.27
N ASN C 189 -45.36 21.49 4.51
CA ASN C 189 -45.45 21.01 5.87
C ASN C 189 -44.12 20.81 6.55
N VAL C 190 -43.03 20.83 5.77
CA VAL C 190 -41.72 20.59 6.37
C VAL C 190 -41.20 21.78 7.16
N LYS C 191 -40.56 21.33 8.26
CA LYS C 191 -39.89 22.05 9.36
C LYS C 191 -38.56 22.76 9.13
N GLY C 192 -38.70 23.88 9.81
CA GLY C 192 -37.65 24.82 9.97
C GLY C 192 -37.66 25.30 11.40
N ILE C 193 -36.46 25.76 11.76
CA ILE C 193 -36.24 26.42 13.02
C ILE C 193 -35.78 27.81 12.53
N TRP C 194 -36.56 28.79 12.99
CA TRP C 194 -36.52 30.20 12.60
C TRP C 194 -36.08 30.95 13.85
N VAL C 195 -34.83 31.40 14.02
CA VAL C 195 -34.47 32.15 15.24
C VAL C 195 -34.34 33.67 15.03
N ASP C 196 -34.52 34.45 16.10
CA ASP C 196 -34.38 35.89 16.01
C ASP C 196 -32.91 36.27 16.09
N GLU C 197 -32.45 37.10 15.14
CA GLU C 197 -31.07 37.58 15.00
C GLU C 197 -30.38 38.13 16.23
N ASP C 198 -31.13 38.76 17.13
CA ASP C 198 -30.56 39.22 18.38
C ASP C 198 -30.48 38.07 19.37
N ASP C 199 -31.30 36.98 19.36
CA ASP C 199 -31.03 35.84 20.24
C ASP C 199 -29.90 34.98 19.64
N VAL C 200 -29.70 34.99 18.31
CA VAL C 200 -28.55 34.38 17.69
C VAL C 200 -27.34 34.96 18.39
N GLY C 201 -27.21 36.29 18.40
CA GLY C 201 -26.14 37.02 19.08
C GLY C 201 -26.01 36.62 20.54
N THR C 202 -27.03 36.74 21.41
CA THR C 202 -26.99 36.33 22.83
C THR C 202 -26.47 34.91 23.07
N TYR C 203 -27.25 33.92 22.59
CA TYR C 203 -26.95 32.52 22.68
C TYR C 203 -25.58 32.24 22.14
N THR C 204 -25.04 33.07 21.23
CA THR C 204 -23.66 32.90 20.72
C THR C 204 -22.66 33.34 21.75
N ILE C 205 -23.00 34.43 22.42
CA ILE C 205 -22.09 35.06 23.37
C ILE C 205 -22.12 34.37 24.70
N LYS C 206 -23.26 33.79 25.10
CA LYS C 206 -23.26 33.03 26.34
C LYS C 206 -22.52 31.70 26.18
N SER C 207 -22.04 31.36 24.97
CA SER C 207 -21.40 30.10 24.61
C SER C 207 -19.88 30.11 24.51
N ILE C 208 -19.25 31.27 24.70
CA ILE C 208 -17.82 31.40 24.45
C ILE C 208 -16.99 31.05 25.66
N ASP C 209 -17.49 31.25 26.88
CA ASP C 209 -16.75 30.82 28.07
C ASP C 209 -17.77 30.13 28.94
N ASP C 210 -17.80 28.84 28.58
CA ASP C 210 -18.63 27.83 29.21
C ASP C 210 -18.03 26.47 28.85
N PRO C 211 -17.57 25.64 29.80
CA PRO C 211 -16.89 24.38 29.53
C PRO C 211 -17.71 23.31 28.78
N GLN C 212 -19.02 23.51 28.54
CA GLN C 212 -19.76 22.55 27.74
C GLN C 212 -19.57 22.83 26.25
N THR C 213 -19.44 24.06 25.77
CA THR C 213 -19.31 24.37 24.33
C THR C 213 -17.90 24.25 23.73
N LEU C 214 -16.85 24.06 24.53
CA LEU C 214 -15.49 23.96 24.02
C LEU C 214 -15.43 22.77 23.11
N ASN C 215 -15.10 23.05 21.85
CA ASN C 215 -14.94 22.07 20.77
C ASN C 215 -16.14 21.19 20.34
N LYS C 216 -17.33 21.80 20.42
CA LYS C 216 -18.58 21.16 20.04
C LYS C 216 -19.40 22.04 19.08
N THR C 217 -20.59 21.54 18.68
CA THR C 217 -21.52 22.26 17.82
C THR C 217 -22.75 22.55 18.67
N MET C 218 -23.00 23.87 18.79
CA MET C 218 -24.17 24.34 19.47
C MET C 218 -25.17 24.57 18.40
N TYR C 219 -26.33 24.02 18.65
CA TYR C 219 -27.42 24.25 17.74
C TYR C 219 -28.30 25.18 18.49
N ILE C 220 -29.14 25.90 17.74
CA ILE C 220 -30.14 26.76 18.36
C ILE C 220 -31.46 26.28 17.75
N ARG C 221 -32.16 25.46 18.54
CA ARG C 221 -33.45 24.87 18.18
C ARG C 221 -34.58 25.33 19.12
N PRO C 222 -35.00 26.61 19.12
CA PRO C 222 -36.11 27.11 19.94
C PRO C 222 -37.43 26.38 19.72
N PRO C 223 -38.05 25.88 20.82
CA PRO C 223 -39.25 25.07 20.77
C PRO C 223 -40.41 25.78 20.15
N MET C 224 -40.78 26.98 20.61
CA MET C 224 -41.91 27.72 20.06
C MET C 224 -41.69 28.17 18.62
N ASN C 225 -40.47 27.90 18.12
CA ASN C 225 -40.07 28.26 16.77
C ASN C 225 -39.66 27.14 15.80
N ILE C 226 -39.94 25.87 16.11
CA ILE C 226 -39.81 24.86 15.06
C ILE C 226 -41.21 24.89 14.45
N LEU C 227 -41.26 25.42 13.23
CA LEU C 227 -42.48 25.69 12.48
C LEU C 227 -42.18 25.35 11.02
N SER C 228 -43.22 25.32 10.18
CA SER C 228 -43.10 25.06 8.76
C SER C 228 -43.48 26.36 8.08
N GLN C 229 -43.34 26.41 6.75
CA GLN C 229 -43.67 27.60 6.00
C GLN C 229 -45.15 27.94 6.05
N LYS C 230 -46.05 26.95 5.82
CA LYS C 230 -47.49 27.17 5.86
C LYS C 230 -47.86 27.67 7.26
N GLU C 231 -47.23 27.14 8.31
CA GLU C 231 -47.38 27.61 9.67
C GLU C 231 -46.84 29.00 9.98
N VAL C 232 -45.77 29.54 9.34
CA VAL C 232 -45.41 30.92 9.65
C VAL C 232 -46.22 31.86 8.73
N ILE C 233 -46.76 31.29 7.63
CA ILE C 233 -47.70 31.97 6.76
C ILE C 233 -49.01 32.05 7.49
N GLN C 234 -49.53 31.04 8.19
CA GLN C 234 -50.77 31.18 8.94
C GLN C 234 -50.60 32.33 9.92
N ILE C 235 -49.58 32.32 10.79
CA ILE C 235 -49.19 33.42 11.70
C ILE C 235 -49.23 34.81 11.04
N TRP C 236 -48.77 34.85 9.79
CA TRP C 236 -48.78 36.08 9.05
C TRP C 236 -50.22 36.48 8.77
N GLU C 237 -50.97 35.65 8.05
CA GLU C 237 -52.35 35.96 7.72
C GLU C 237 -53.27 35.59 8.88
N ARG C 238 -53.66 34.31 8.99
CA ARG C 238 -54.58 33.71 9.96
C ARG C 238 -54.47 34.04 11.45
N LEU C 239 -53.77 35.14 11.73
CA LEU C 239 -53.67 35.73 13.04
C LEU C 239 -53.43 37.18 12.67
N SER C 240 -52.22 37.58 12.23
CA SER C 240 -51.86 38.99 12.03
C SER C 240 -52.33 39.78 10.82
N GLU C 241 -52.39 39.30 9.58
CA GLU C 241 -52.93 40.10 8.48
C GLU C 241 -54.37 39.61 8.21
N GLN C 242 -54.56 38.70 7.23
CA GLN C 242 -55.83 38.16 6.77
C GLN C 242 -55.74 36.87 5.93
N ASN C 243 -55.44 36.87 4.61
CA ASN C 243 -55.28 35.67 3.77
C ASN C 243 -54.75 35.91 2.37
N LEU C 244 -53.72 35.09 2.23
CA LEU C 244 -52.93 34.91 1.04
C LEU C 244 -53.49 33.78 0.19
N ASP C 245 -53.54 34.15 -1.09
CA ASP C 245 -53.93 33.25 -2.17
C ASP C 245 -52.70 32.37 -2.22
N LYS C 246 -52.84 31.04 -2.11
CA LYS C 246 -51.67 30.17 -2.04
C LYS C 246 -51.31 29.39 -3.32
N ILE C 247 -50.05 28.95 -3.50
CA ILE C 247 -49.58 28.19 -4.68
C ILE C 247 -48.46 27.27 -4.24
N TYR C 248 -48.46 26.00 -4.69
CA TYR C 248 -47.47 25.02 -4.27
C TYR C 248 -46.54 24.72 -5.39
N ILE C 249 -45.26 24.75 -5.09
CA ILE C 249 -44.30 24.47 -6.14
C ILE C 249 -43.75 23.07 -5.83
N SER C 250 -43.47 22.31 -6.88
CA SER C 250 -43.01 20.94 -6.73
C SER C 250 -41.50 20.77 -6.61
N SER C 251 -41.03 19.59 -6.16
CA SER C 251 -39.61 19.30 -6.10
C SER C 251 -39.00 19.32 -7.51
N GLN C 252 -39.73 18.85 -8.51
CA GLN C 252 -39.23 18.64 -9.85
C GLN C 252 -38.61 19.69 -10.80
N ASP C 253 -39.43 20.17 -11.72
CA ASP C 253 -39.02 21.11 -12.75
C ASP C 253 -38.99 22.59 -12.29
N PHE C 254 -38.90 22.61 -10.94
CA PHE C 254 -38.90 23.70 -9.97
C PHE C 254 -37.49 23.53 -9.39
N LEU C 255 -36.95 22.30 -9.21
CA LEU C 255 -35.51 22.21 -9.30
C LEU C 255 -35.10 22.66 -10.73
N ALA C 256 -35.88 22.47 -11.83
CA ALA C 256 -35.43 23.09 -13.12
C ALA C 256 -35.59 24.63 -13.32
N ASP C 257 -36.52 25.10 -12.47
CA ASP C 257 -36.83 26.52 -12.28
C ASP C 257 -35.55 27.10 -11.77
N MET C 258 -35.08 26.46 -10.69
CA MET C 258 -33.78 26.81 -10.19
C MET C 258 -32.70 26.67 -11.28
N LYS C 259 -32.82 25.64 -12.14
CA LYS C 259 -31.83 25.30 -13.18
C LYS C 259 -31.45 26.46 -14.08
N ASP C 260 -32.39 27.16 -14.74
CA ASP C 260 -31.69 28.18 -15.59
C ASP C 260 -31.12 29.51 -15.02
N LYS C 261 -31.24 29.80 -13.72
CA LYS C 261 -30.75 31.04 -13.13
C LYS C 261 -29.23 31.15 -12.91
N SER C 262 -28.81 32.36 -12.51
CA SER C 262 -27.42 32.77 -12.24
C SER C 262 -26.80 32.15 -11.00
N TYR C 263 -25.50 31.80 -11.01
CA TYR C 263 -24.81 31.15 -9.90
C TYR C 263 -25.19 31.54 -8.48
N GLU C 264 -25.40 32.81 -8.15
CA GLU C 264 -25.76 33.20 -6.78
C GLU C 264 -27.24 33.02 -6.50
N GLU C 265 -28.05 32.80 -7.55
CA GLU C 265 -29.47 32.54 -7.36
C GLU C 265 -29.64 31.03 -7.23
N LYS C 266 -28.98 30.22 -8.08
CA LYS C 266 -28.98 28.77 -7.89
C LYS C 266 -28.60 28.43 -6.44
N ILE C 267 -27.59 29.03 -5.79
CA ILE C 267 -27.23 28.78 -4.40
C ILE C 267 -28.39 28.96 -3.40
N VAL C 268 -29.15 30.09 -3.43
CA VAL C 268 -30.22 30.37 -2.46
C VAL C 268 -31.39 29.43 -2.60
N ARG C 269 -31.60 29.15 -3.87
CA ARG C 269 -32.58 28.18 -4.25
C ARG C 269 -32.10 26.84 -3.71
N CYS C 270 -30.93 26.29 -4.06
CA CYS C 270 -30.43 25.05 -3.45
C CYS C 270 -30.48 24.99 -1.94
N HIS C 271 -30.44 26.13 -1.22
CA HIS C 271 -30.51 26.21 0.24
C HIS C 271 -31.95 26.23 0.70
N LEU C 272 -32.86 26.94 -0.03
CA LEU C 272 -34.29 26.93 0.25
C LEU C 272 -34.84 25.51 0.08
N TYR C 273 -34.64 25.13 -1.17
CA TYR C 273 -34.98 23.90 -1.85
C TYR C 273 -34.18 22.75 -1.28
N GLN C 274 -34.21 22.72 0.09
CA GLN C 274 -33.38 21.89 0.99
C GLN C 274 -33.68 22.14 2.47
N ILE C 275 -34.56 23.08 2.83
CA ILE C 275 -35.00 23.27 4.22
C ILE C 275 -36.46 22.86 4.30
N PHE C 276 -37.12 23.36 3.25
CA PHE C 276 -38.53 23.26 2.98
C PHE C 276 -38.95 21.99 2.23
N PHE C 277 -37.96 21.50 1.44
CA PHE C 277 -38.05 20.23 0.72
C PHE C 277 -37.27 19.15 1.45
N ARG C 278 -35.93 18.95 1.37
CA ARG C 278 -35.31 17.79 2.03
C ARG C 278 -35.46 17.81 3.55
N GLY C 279 -35.88 18.92 4.17
CA GLY C 279 -36.09 18.99 5.63
C GLY C 279 -34.88 19.20 6.56
N ASP C 280 -33.68 19.40 5.98
CA ASP C 280 -32.39 19.46 6.66
C ASP C 280 -32.17 20.28 7.93
N LEU C 281 -33.12 21.14 8.31
CA LEU C 281 -32.93 21.80 9.60
C LEU C 281 -33.35 20.84 10.70
N TYR C 282 -34.35 19.98 10.39
CA TYR C 282 -34.95 19.13 11.40
C TYR C 282 -35.02 17.65 11.08
N ASN C 283 -34.39 17.12 10.04
CA ASN C 283 -34.46 15.71 9.74
C ASN C 283 -33.34 14.91 10.35
N PHE C 284 -32.88 15.44 11.49
CA PHE C 284 -31.78 14.82 12.19
C PHE C 284 -31.64 15.05 13.70
N GLU C 285 -30.96 13.93 13.96
CA GLU C 285 -30.39 13.44 15.18
C GLU C 285 -29.26 14.34 15.61
N ILE C 286 -29.57 15.16 16.59
CA ILE C 286 -28.65 16.10 17.17
C ILE C 286 -27.97 15.41 18.34
N GLY C 287 -26.67 15.57 18.61
CA GLY C 287 -26.10 14.98 19.82
C GLY C 287 -24.86 14.11 19.70
N PRO C 288 -24.62 13.16 20.61
CA PRO C 288 -24.93 13.25 22.06
C PRO C 288 -23.90 13.98 22.95
N ASN C 289 -22.83 14.43 22.30
CA ASN C 289 -21.79 15.22 22.94
C ASN C 289 -22.10 16.69 22.63
N ALA C 290 -22.63 16.96 21.41
CA ALA C 290 -23.14 18.25 20.92
C ALA C 290 -24.31 18.86 21.76
N ILE C 291 -24.56 20.16 21.61
CA ILE C 291 -25.53 20.83 22.47
C ILE C 291 -26.50 21.79 21.82
N GLU C 292 -27.41 22.26 22.67
CA GLU C 292 -28.47 23.13 22.25
C GLU C 292 -28.59 24.29 23.20
N ALA C 293 -28.60 25.45 22.51
CA ALA C 293 -28.62 26.77 23.08
C ALA C 293 -29.74 27.04 24.06
N THR C 294 -31.01 26.86 23.61
CA THR C 294 -32.25 27.12 24.38
C THR C 294 -32.40 26.39 25.70
N LYS C 295 -32.05 25.11 25.59
CA LYS C 295 -31.98 24.17 26.71
C LYS C 295 -30.90 24.63 27.68
N LEU C 296 -29.67 24.82 27.16
CA LEU C 296 -28.48 25.26 27.90
C LEU C 296 -28.61 26.64 28.55
N TYR C 297 -29.30 27.60 27.91
CA TYR C 297 -29.40 28.93 28.43
C TYR C 297 -30.80 29.36 28.85
N PRO C 298 -31.34 28.83 29.96
CA PRO C 298 -32.75 29.00 30.35
C PRO C 298 -33.29 30.43 30.40
N GLU C 299 -32.44 31.26 31.00
CA GLU C 299 -32.61 32.68 31.28
C GLU C 299 -33.12 33.52 30.11
N VAL C 300 -32.71 33.22 28.86
CA VAL C 300 -33.15 33.97 27.70
C VAL C 300 -34.48 33.46 27.18
N LYS C 301 -35.32 34.50 27.19
CA LYS C 301 -36.68 34.48 26.71
C LYS C 301 -36.64 34.70 25.20
N TYR C 302 -36.43 33.68 24.35
CA TYR C 302 -36.31 33.89 22.90
C TYR C 302 -37.57 34.49 22.32
N VAL C 303 -37.41 34.99 21.09
CA VAL C 303 -38.47 35.67 20.40
C VAL C 303 -39.03 34.68 19.39
N THR C 304 -40.36 34.63 19.52
CA THR C 304 -41.30 33.79 18.80
C THR C 304 -41.56 34.25 17.38
N MET C 305 -42.09 33.41 16.48
CA MET C 305 -42.46 33.93 15.19
C MET C 305 -43.80 34.58 15.21
N ASP C 306 -44.33 34.79 16.40
CA ASP C 306 -45.58 35.47 16.64
C ASP C 306 -45.19 36.91 16.95
N SER C 307 -44.23 37.04 17.88
CA SER C 307 -43.67 38.32 18.31
C SER C 307 -42.89 38.94 17.17
N TYR C 308 -42.10 38.19 16.38
CA TYR C 308 -41.29 38.76 15.34
C TYR C 308 -42.17 39.28 14.23
N LEU C 309 -43.15 38.55 13.68
CA LEU C 309 -43.98 39.08 12.60
C LEU C 309 -45.04 40.11 12.98
N GLU C 310 -45.29 40.37 14.28
CA GLU C 310 -46.22 41.42 14.64
C GLU C 310 -45.58 42.78 14.57
N ARG C 311 -44.31 42.72 14.17
CA ARG C 311 -43.45 43.84 13.88
C ARG C 311 -43.55 44.21 12.43
N TYR C 312 -44.15 43.31 11.62
CA TYR C 312 -44.33 43.51 10.19
C TYR C 312 -45.69 44.03 9.72
N VAL C 313 -46.63 44.07 10.68
CA VAL C 313 -48.03 44.38 10.48
C VAL C 313 -48.40 45.73 9.83
N ASP D 2 19.57 -36.86 5.07
CA ASP D 2 20.37 -35.81 5.67
C ASP D 2 21.71 -36.34 6.16
N LYS D 3 22.52 -36.76 5.17
CA LYS D 3 23.83 -37.34 5.37
C LYS D 3 25.00 -36.34 5.29
N LYS D 4 26.14 -36.66 4.60
CA LYS D 4 27.32 -35.80 4.42
C LYS D 4 28.37 -36.25 3.39
N SER D 5 27.94 -36.90 2.31
CA SER D 5 28.87 -37.34 1.27
C SER D 5 29.13 -36.13 0.36
N ARG D 6 30.37 -35.74 0.04
CA ARG D 6 30.60 -34.60 -0.87
C ARG D 6 30.06 -34.99 -2.25
N VAL D 7 28.88 -34.50 -2.65
CA VAL D 7 28.32 -34.83 -3.97
C VAL D 7 28.57 -33.76 -5.05
N LEU D 8 29.07 -34.22 -6.23
CA LEU D 8 29.24 -33.37 -7.41
C LEU D 8 28.13 -33.58 -8.45
N ILE D 9 27.64 -32.50 -9.11
CA ILE D 9 26.64 -32.63 -10.14
C ILE D 9 26.97 -31.91 -11.46
N VAL D 10 27.31 -32.73 -12.46
CA VAL D 10 27.39 -32.32 -13.85
C VAL D 10 25.95 -32.27 -14.46
N GLY D 11 25.63 -31.21 -15.21
CA GLY D 11 24.29 -31.04 -15.74
C GLY D 11 23.28 -30.47 -14.75
N GLY D 12 23.64 -29.77 -13.64
CA GLY D 12 22.74 -29.19 -12.61
C GLY D 12 21.57 -28.26 -13.05
N THR D 13 21.62 -27.87 -14.34
CA THR D 13 20.62 -27.09 -15.04
C THR D 13 19.84 -27.92 -16.08
N GLY D 14 18.65 -27.37 -16.33
CA GLY D 14 17.64 -27.95 -17.20
C GLY D 14 17.14 -29.33 -16.76
N TYR D 15 16.25 -29.88 -17.61
CA TYR D 15 15.70 -31.22 -17.56
C TYR D 15 15.22 -31.63 -16.18
N ILE D 16 16.12 -32.31 -15.43
CA ILE D 16 15.91 -32.89 -14.10
C ILE D 16 17.16 -32.70 -13.22
N GLY D 17 18.30 -32.24 -13.76
CA GLY D 17 19.49 -31.93 -12.99
C GLY D 17 19.20 -31.01 -11.81
N LYS D 18 18.45 -29.93 -12.04
CA LYS D 18 18.13 -29.00 -10.98
C LYS D 18 17.44 -29.66 -9.81
N ARG D 19 16.53 -30.57 -10.17
CA ARG D 19 15.78 -31.43 -9.27
C ARG D 19 16.71 -32.20 -8.36
N ILE D 20 17.70 -32.95 -8.93
CA ILE D 20 18.68 -33.73 -8.18
C ILE D 20 19.29 -32.74 -7.22
N VAL D 21 20.01 -31.73 -7.67
CA VAL D 21 20.71 -30.74 -6.83
C VAL D 21 19.93 -30.19 -5.65
N ASN D 22 18.71 -29.79 -5.95
CA ASN D 22 17.85 -29.22 -4.93
C ASN D 22 17.56 -30.21 -3.80
N ALA D 23 17.65 -31.52 -4.12
CA ALA D 23 17.37 -32.66 -3.23
C ALA D 23 18.55 -33.17 -2.45
N SER D 24 19.67 -33.05 -3.15
CA SER D 24 21.02 -33.26 -2.66
C SER D 24 21.31 -32.26 -1.57
N ILE D 25 20.93 -30.99 -1.82
CA ILE D 25 21.08 -29.89 -0.86
C ILE D 25 20.13 -30.13 0.31
N SER D 26 18.84 -30.38 0.06
CA SER D 26 17.86 -30.59 1.12
C SER D 26 18.10 -31.81 2.00
N LEU D 27 18.82 -32.82 1.49
CA LEU D 27 19.16 -34.06 2.20
C LEU D 27 20.56 -34.04 2.84
N GLY D 28 20.97 -32.90 3.41
CA GLY D 28 22.22 -32.75 4.17
C GLY D 28 23.55 -32.94 3.46
N HIS D 29 23.63 -32.95 2.11
CA HIS D 29 24.91 -33.10 1.41
C HIS D 29 25.55 -31.76 0.98
N PRO D 30 26.88 -31.67 1.19
CA PRO D 30 27.78 -30.78 0.47
C PRO D 30 27.63 -30.96 -1.03
N THR D 31 26.99 -29.97 -1.62
CA THR D 31 26.69 -30.05 -3.03
C THR D 31 27.63 -29.14 -3.79
N TYR D 32 28.32 -29.58 -4.81
CA TYR D 32 29.17 -28.73 -5.59
C TYR D 32 28.56 -28.86 -6.97
N VAL D 33 27.82 -27.87 -7.46
CA VAL D 33 27.28 -27.95 -8.81
C VAL D 33 28.41 -27.62 -9.76
N LEU D 34 28.63 -28.32 -10.88
CA LEU D 34 29.67 -27.93 -11.82
C LEU D 34 29.36 -26.56 -12.47
N PHE D 35 28.98 -26.34 -13.77
CA PHE D 35 28.71 -25.07 -14.51
C PHE D 35 29.62 -24.84 -15.72
N ARG D 36 29.24 -25.36 -16.89
CA ARG D 36 29.97 -25.19 -18.14
C ARG D 36 29.72 -23.78 -18.72
N PRO D 37 30.01 -23.44 -19.98
CA PRO D 37 29.27 -22.48 -20.81
C PRO D 37 27.74 -22.50 -21.01
N GLU D 38 27.02 -22.53 -19.88
CA GLU D 38 25.58 -22.31 -19.87
C GLU D 38 25.31 -20.81 -19.66
N VAL D 39 26.36 -20.04 -19.98
CA VAL D 39 26.43 -18.60 -19.78
C VAL D 39 25.88 -17.85 -20.98
N VAL D 40 26.49 -17.92 -22.17
CA VAL D 40 26.11 -17.21 -23.41
C VAL D 40 24.61 -17.02 -23.56
N SER D 41 24.20 -15.77 -23.34
CA SER D 41 22.81 -15.30 -23.41
C SER D 41 21.75 -16.11 -22.65
N ASN D 42 22.12 -17.16 -21.89
CA ASN D 42 21.10 -17.87 -21.11
C ASN D 42 21.10 -17.47 -19.65
N ILE D 43 20.29 -16.42 -19.48
CA ILE D 43 19.94 -15.76 -18.22
C ILE D 43 19.35 -16.77 -17.24
N ASP D 44 18.28 -17.53 -17.58
CA ASP D 44 17.60 -18.51 -16.72
C ASP D 44 18.43 -19.56 -16.01
N LYS D 45 19.32 -20.18 -16.78
CA LYS D 45 20.26 -21.17 -16.33
C LYS D 45 21.16 -20.56 -15.26
N VAL D 46 21.81 -19.46 -15.70
CA VAL D 46 22.68 -18.61 -14.92
C VAL D 46 21.92 -18.26 -13.66
N GLN D 47 20.69 -17.78 -13.82
CA GLN D 47 19.85 -17.37 -12.71
C GLN D 47 19.65 -18.51 -11.77
N MET D 48 19.35 -19.73 -12.23
CA MET D 48 19.07 -20.78 -11.27
C MET D 48 20.29 -21.40 -10.59
N LEU D 49 21.45 -21.26 -11.26
CA LEU D 49 22.77 -21.56 -10.71
C LEU D 49 23.08 -20.58 -9.59
N LEU D 50 22.73 -19.28 -9.73
CA LEU D 50 22.90 -18.37 -8.63
C LEU D 50 21.96 -18.76 -7.50
N TYR D 51 20.79 -19.40 -7.74
CA TYR D 51 19.86 -19.81 -6.67
C TYR D 51 20.41 -21.02 -5.93
N PHE D 52 21.22 -21.84 -6.62
CA PHE D 52 21.87 -22.89 -5.88
C PHE D 52 23.00 -22.33 -5.04
N LYS D 53 23.61 -21.19 -5.39
CA LYS D 53 24.62 -20.61 -4.51
C LYS D 53 23.97 -19.97 -3.30
N GLN D 54 22.83 -19.28 -3.42
CA GLN D 54 22.16 -18.72 -2.25
C GLN D 54 21.77 -19.76 -1.20
N LEU D 55 21.19 -20.88 -1.65
CA LEU D 55 20.87 -22.03 -0.79
C LEU D 55 22.13 -22.65 -0.18
N GLY D 56 23.26 -22.82 -0.90
CA GLY D 56 24.49 -23.37 -0.33
C GLY D 56 25.46 -24.07 -1.31
N ALA D 57 25.10 -24.31 -2.59
CA ALA D 57 25.98 -24.98 -3.54
C ALA D 57 27.26 -24.22 -3.85
N LYS D 58 28.24 -24.98 -4.32
CA LYS D 58 29.52 -24.45 -4.69
C LYS D 58 29.53 -24.57 -6.20
N LEU D 59 29.69 -23.49 -6.97
CA LEU D 59 29.80 -23.62 -8.43
C LEU D 59 31.24 -23.93 -8.78
N ILE D 60 31.52 -24.54 -9.94
CA ILE D 60 32.88 -24.84 -10.38
C ILE D 60 32.85 -24.74 -11.90
N GLU D 61 33.05 -23.50 -12.30
CA GLU D 61 32.96 -23.14 -13.68
C GLU D 61 34.04 -23.82 -14.51
N ALA D 62 33.60 -24.89 -15.22
CA ALA D 62 34.45 -25.74 -16.06
C ALA D 62 33.77 -26.63 -17.08
N SER D 63 34.33 -26.78 -18.28
CA SER D 63 33.73 -27.65 -19.29
C SER D 63 34.13 -29.14 -19.19
N LEU D 64 33.59 -29.92 -20.12
CA LEU D 64 33.84 -31.33 -20.17
C LEU D 64 35.10 -31.64 -20.95
N ASP D 65 35.65 -30.62 -21.60
CA ASP D 65 36.90 -30.77 -22.32
C ASP D 65 38.13 -30.58 -21.50
N ASP D 66 38.06 -29.69 -20.52
CA ASP D 66 39.19 -29.53 -19.65
C ASP D 66 39.32 -30.66 -18.63
N HIS D 67 40.21 -31.59 -19.04
CA HIS D 67 40.57 -32.78 -18.29
C HIS D 67 41.02 -32.41 -16.90
N GLN D 68 42.16 -31.74 -16.89
CA GLN D 68 42.87 -31.26 -15.73
C GLN D 68 42.04 -30.43 -14.77
N ARG D 69 41.04 -29.67 -15.23
CA ARG D 69 40.12 -28.95 -14.35
C ARG D 69 39.06 -29.91 -13.80
N LEU D 70 38.48 -30.72 -14.72
CA LEU D 70 37.43 -31.69 -14.45
C LEU D 70 37.93 -32.66 -13.43
N VAL D 71 39.15 -33.14 -13.65
CA VAL D 71 39.85 -34.03 -12.75
C VAL D 71 40.05 -33.43 -11.36
N ASP D 72 40.35 -32.11 -11.20
CA ASP D 72 40.53 -31.50 -9.88
C ASP D 72 39.23 -31.34 -9.09
N ALA D 73 38.18 -31.01 -9.84
CA ALA D 73 36.79 -30.84 -9.35
C ALA D 73 36.29 -32.02 -8.56
N LEU D 74 36.58 -33.19 -9.18
CA LEU D 74 36.33 -34.55 -8.72
C LEU D 74 37.23 -35.03 -7.59
N LYS D 75 38.39 -34.36 -7.38
CA LYS D 75 39.25 -34.68 -6.24
C LYS D 75 38.63 -34.08 -4.97
N GLN D 76 37.86 -32.99 -5.13
CA GLN D 76 37.22 -32.34 -4.00
C GLN D 76 35.95 -33.06 -3.55
N VAL D 77 35.45 -34.04 -4.34
CA VAL D 77 34.23 -34.79 -4.03
C VAL D 77 34.32 -36.33 -3.86
N ASP D 78 33.20 -36.89 -3.39
CA ASP D 78 32.97 -38.33 -3.15
C ASP D 78 32.03 -38.95 -4.17
N VAL D 79 30.86 -38.34 -4.38
CA VAL D 79 29.90 -38.78 -5.37
C VAL D 79 29.85 -37.93 -6.63
N VAL D 80 29.71 -38.49 -7.83
CA VAL D 80 29.52 -37.69 -9.04
C VAL D 80 28.18 -37.97 -9.69
N ILE D 81 27.28 -37.01 -9.87
CA ILE D 81 26.06 -37.28 -10.59
C ILE D 81 25.91 -36.46 -11.85
N SER D 82 25.88 -37.10 -13.01
CA SER D 82 25.65 -36.43 -14.27
C SER D 82 24.20 -36.62 -14.67
N ALA D 83 23.40 -35.59 -14.95
CA ALA D 83 22.03 -35.77 -15.42
C ALA D 83 21.80 -34.84 -16.62
N LEU D 84 22.83 -34.93 -17.46
CA LEU D 84 23.07 -34.13 -18.65
C LEU D 84 22.37 -34.65 -19.91
N ALA D 85 21.50 -33.84 -20.55
CA ALA D 85 20.79 -34.26 -21.76
C ALA D 85 20.32 -33.14 -22.68
N GLY D 86 20.14 -33.39 -23.98
CA GLY D 86 19.72 -32.34 -24.92
C GLY D 86 19.00 -32.79 -26.20
N GLY D 87 18.25 -31.79 -26.74
CA GLY D 87 17.31 -31.77 -27.89
C GLY D 87 17.30 -32.86 -29.00
N VAL D 88 18.30 -32.78 -29.89
CA VAL D 88 18.54 -33.74 -30.98
C VAL D 88 19.53 -34.75 -30.39
N LEU D 89 20.64 -34.15 -29.99
CA LEU D 89 21.80 -34.75 -29.39
C LEU D 89 21.76 -35.68 -28.17
N SER D 90 22.23 -36.87 -28.56
CA SER D 90 22.64 -37.94 -27.64
C SER D 90 24.16 -37.75 -27.48
N HIS D 91 24.62 -36.51 -27.78
CA HIS D 91 25.99 -36.06 -27.71
C HIS D 91 26.44 -35.86 -26.29
N HIS D 92 25.60 -35.27 -25.41
CA HIS D 92 25.94 -35.10 -24.00
C HIS D 92 26.05 -36.38 -23.26
N ILE D 93 25.44 -37.38 -23.91
CA ILE D 93 25.49 -38.72 -23.42
C ILE D 93 26.88 -39.23 -23.79
N LEU D 94 27.38 -39.02 -25.00
CA LEU D 94 28.74 -39.42 -25.39
C LEU D 94 29.79 -38.55 -24.66
N GLU D 95 29.42 -37.30 -24.44
CA GLU D 95 30.25 -36.33 -23.78
C GLU D 95 30.44 -36.68 -22.30
N GLN D 96 29.81 -37.75 -21.78
CA GLN D 96 30.19 -38.13 -20.43
C GLN D 96 31.08 -39.36 -20.31
N LEU D 97 31.64 -39.71 -21.47
CA LEU D 97 32.76 -40.64 -21.54
C LEU D 97 33.98 -39.82 -21.08
N LYS D 98 33.92 -38.55 -21.44
CA LYS D 98 34.93 -37.60 -21.11
C LYS D 98 34.93 -37.46 -19.57
N LEU D 99 33.75 -37.49 -18.98
CA LEU D 99 33.59 -37.52 -17.54
C LEU D 99 33.94 -38.87 -16.87
N VAL D 100 34.01 -40.04 -17.56
CA VAL D 100 34.35 -41.28 -16.87
C VAL D 100 35.87 -41.44 -16.81
N GLU D 101 36.48 -41.21 -17.97
CA GLU D 101 37.90 -41.25 -18.20
C GLU D 101 38.66 -40.22 -17.38
N ALA D 102 37.99 -39.40 -16.59
CA ALA D 102 38.53 -38.43 -15.65
C ALA D 102 38.29 -38.90 -14.21
N ILE D 103 37.31 -39.79 -14.01
CA ILE D 103 37.02 -40.36 -12.70
C ILE D 103 37.95 -41.55 -12.42
N LYS D 104 38.38 -42.19 -13.51
CA LYS D 104 39.32 -43.29 -13.50
C LYS D 104 40.64 -42.81 -12.87
N GLU D 105 41.09 -41.66 -13.38
CA GLU D 105 42.30 -40.96 -12.98
C GLU D 105 42.16 -40.25 -11.65
N ALA D 106 41.00 -39.67 -11.36
CA ALA D 106 40.78 -39.11 -10.04
C ALA D 106 40.77 -40.23 -8.99
N GLY D 107 40.40 -41.48 -9.29
CA GLY D 107 40.37 -42.58 -8.34
C GLY D 107 39.24 -42.48 -7.33
N ASN D 108 39.62 -41.82 -6.23
CA ASN D 108 38.84 -41.44 -5.06
C ASN D 108 37.32 -41.35 -5.05
N ILE D 109 36.68 -41.22 -6.23
CA ILE D 109 35.23 -41.18 -6.36
C ILE D 109 34.68 -42.52 -5.98
N LYS D 110 33.90 -42.35 -4.93
CA LYS D 110 33.19 -43.46 -4.32
C LYS D 110 31.91 -43.82 -5.11
N ARG D 111 31.21 -42.92 -5.87
CA ARG D 111 30.11 -43.31 -6.76
C ARG D 111 29.58 -42.41 -7.87
N PHE D 112 29.81 -42.83 -9.11
CA PHE D 112 29.33 -42.11 -10.28
C PHE D 112 27.98 -42.66 -10.68
N LEU D 113 26.95 -41.81 -10.68
CA LEU D 113 25.64 -42.24 -11.13
C LEU D 113 25.39 -41.64 -12.50
N PRO D 114 25.46 -42.31 -13.66
CA PRO D 114 25.31 -41.67 -14.96
C PRO D 114 23.94 -41.11 -15.25
N SER D 115 23.80 -40.56 -16.47
CA SER D 115 22.58 -39.97 -16.97
C SER D 115 21.99 -41.04 -17.85
N GLU D 116 21.01 -41.49 -17.08
CA GLU D 116 20.07 -42.53 -17.36
C GLU D 116 18.72 -41.86 -17.17
N PHE D 117 18.23 -41.87 -15.93
CA PHE D 117 16.92 -41.40 -15.52
C PHE D 117 15.66 -41.70 -16.37
N GLY D 118 15.45 -42.92 -16.90
CA GLY D 118 14.20 -43.25 -17.58
C GLY D 118 14.26 -44.42 -18.57
N MET D 119 14.23 -45.67 -18.07
CA MET D 119 14.29 -46.99 -18.76
C MET D 119 15.72 -47.49 -18.86
N ASP D 120 15.91 -48.75 -18.44
CA ASP D 120 17.18 -49.46 -18.49
C ASP D 120 17.54 -49.83 -19.93
N PRO D 121 18.54 -49.20 -20.57
CA PRO D 121 19.02 -49.51 -21.91
C PRO D 121 19.51 -50.93 -22.04
N ASP D 122 19.88 -51.51 -20.91
CA ASP D 122 20.31 -52.88 -20.96
C ASP D 122 19.25 -53.92 -20.72
N ILE D 123 18.00 -53.47 -20.94
CA ILE D 123 16.84 -54.34 -21.00
C ILE D 123 16.73 -54.31 -22.51
N MET D 124 17.42 -55.36 -22.96
CA MET D 124 17.68 -55.85 -24.32
C MET D 124 18.06 -54.83 -25.38
N GLU D 125 17.01 -54.01 -25.50
CA GLU D 125 16.71 -53.01 -26.47
C GLU D 125 16.96 -53.44 -27.94
N HIS D 126 15.73 -53.93 -27.82
CA HIS D 126 14.82 -54.49 -28.80
C HIS D 126 14.18 -53.27 -29.46
N ALA D 127 14.61 -52.09 -28.98
CA ALA D 127 14.22 -50.78 -29.37
C ALA D 127 14.26 -50.62 -30.86
N LEU D 128 13.11 -50.06 -31.19
CA LEU D 128 12.84 -49.65 -32.55
C LEU D 128 13.79 -48.53 -32.93
N GLN D 129 14.35 -48.74 -34.09
CA GLN D 129 15.14 -47.76 -34.80
C GLN D 129 14.11 -46.68 -35.20
N PRO D 130 14.44 -45.37 -35.24
CA PRO D 130 15.66 -44.76 -34.74
C PRO D 130 15.79 -44.61 -33.25
N GLY D 131 14.72 -44.44 -32.46
CA GLY D 131 14.75 -44.26 -31.01
C GLY D 131 15.72 -45.12 -30.20
N SER D 132 16.29 -46.17 -30.78
CA SER D 132 17.29 -46.98 -30.11
C SER D 132 18.63 -46.28 -29.96
N ILE D 133 18.93 -45.19 -30.72
CA ILE D 133 20.18 -44.42 -30.64
C ILE D 133 20.36 -43.79 -29.27
N THR D 134 19.29 -43.60 -28.53
CA THR D 134 19.28 -43.20 -27.12
C THR D 134 19.91 -44.21 -26.17
N PHE D 135 19.40 -45.43 -26.22
CA PHE D 135 19.77 -46.52 -25.35
C PHE D 135 21.13 -47.05 -25.72
N ILE D 136 21.55 -46.87 -26.97
CA ILE D 136 22.89 -47.24 -27.42
C ILE D 136 23.92 -46.46 -26.63
N ASP D 137 23.87 -45.14 -26.76
CA ASP D 137 24.84 -44.29 -26.11
C ASP D 137 24.70 -44.37 -24.60
N LYS D 138 23.52 -44.51 -23.99
CA LYS D 138 23.46 -44.67 -22.54
C LYS D 138 24.15 -45.94 -22.06
N ARG D 139 24.21 -46.94 -22.97
CA ARG D 139 24.87 -48.21 -22.73
C ARG D 139 26.39 -48.16 -22.92
N LYS D 140 26.87 -47.46 -23.96
CA LYS D 140 28.28 -47.33 -24.28
C LYS D 140 29.03 -46.74 -23.09
N VAL D 141 28.34 -45.81 -22.40
CA VAL D 141 28.87 -45.13 -21.24
C VAL D 141 28.96 -46.11 -20.12
N ARG D 142 27.87 -46.89 -19.94
CA ARG D 142 27.78 -47.89 -18.89
C ARG D 142 28.95 -48.88 -18.91
N ARG D 143 29.26 -49.32 -20.12
CA ARG D 143 30.39 -50.20 -20.41
C ARG D 143 31.73 -49.57 -20.16
N ALA D 144 31.80 -48.22 -20.24
CA ALA D 144 33.02 -47.46 -19.96
C ALA D 144 33.20 -47.34 -18.47
N ILE D 145 32.13 -46.97 -17.75
CA ILE D 145 32.11 -46.89 -16.29
C ILE D 145 32.69 -48.16 -15.69
N GLU D 146 32.34 -49.35 -16.24
CA GLU D 146 32.93 -50.58 -15.76
C GLU D 146 34.24 -50.93 -16.48
N ALA D 147 34.56 -50.55 -17.72
CA ALA D 147 35.87 -50.89 -18.28
C ALA D 147 36.99 -50.05 -17.69
N ALA D 148 36.56 -49.05 -16.92
CA ALA D 148 37.43 -48.18 -16.14
C ALA D 148 37.26 -48.55 -14.65
N SER D 149 36.50 -49.65 -14.43
CA SER D 149 36.26 -50.30 -13.16
C SER D 149 35.68 -49.43 -12.05
N ILE D 150 34.95 -48.39 -12.49
CA ILE D 150 34.31 -47.35 -11.67
C ILE D 150 33.00 -47.80 -10.99
N PRO D 151 32.81 -47.63 -9.67
CA PRO D 151 31.56 -47.87 -8.95
C PRO D 151 30.46 -46.91 -9.36
N TYR D 152 29.39 -47.55 -9.77
CA TYR D 152 28.20 -46.87 -10.28
C TYR D 152 27.00 -47.30 -9.46
N THR D 153 25.87 -46.81 -9.96
CA THR D 153 24.53 -47.04 -9.50
C THR D 153 23.76 -46.44 -10.68
N TYR D 154 23.07 -47.30 -11.42
CA TYR D 154 22.26 -46.86 -12.55
C TYR D 154 20.84 -46.58 -12.06
N VAL D 155 20.23 -45.48 -12.53
CA VAL D 155 18.92 -45.06 -12.04
C VAL D 155 17.95 -44.93 -13.19
N SER D 156 17.19 -46.02 -13.32
CA SER D 156 16.09 -46.18 -14.25
C SER D 156 14.92 -45.92 -13.33
N SER D 157 14.41 -44.75 -13.65
CA SER D 157 13.38 -44.09 -12.90
C SER D 157 12.17 -43.82 -13.77
N ASN D 158 12.08 -44.51 -14.90
CA ASN D 158 10.92 -44.50 -15.78
C ASN D 158 10.47 -43.12 -16.23
N MET D 159 9.17 -42.87 -16.39
CA MET D 159 8.69 -41.60 -16.85
C MET D 159 8.46 -40.52 -15.82
N PHE D 160 8.95 -39.32 -16.21
CA PHE D 160 8.70 -38.08 -15.47
C PHE D 160 7.28 -37.61 -15.80
N ALA D 161 6.70 -37.48 -14.63
CA ALA D 161 5.34 -37.08 -14.45
C ALA D 161 4.84 -35.96 -15.31
N GLY D 162 5.64 -34.88 -15.35
CA GLY D 162 5.38 -33.61 -16.04
C GLY D 162 5.43 -33.67 -17.55
N TYR D 163 6.16 -34.64 -18.08
CA TYR D 163 6.23 -34.85 -19.52
C TYR D 163 5.21 -35.86 -19.99
N PHE D 164 4.80 -36.71 -19.04
CA PHE D 164 3.85 -37.76 -19.36
C PHE D 164 2.49 -37.67 -18.70
N ALA D 165 2.36 -37.66 -17.36
CA ALA D 165 1.05 -37.55 -16.73
C ALA D 165 0.42 -36.19 -16.99
N GLY D 166 1.26 -35.16 -16.88
CA GLY D 166 0.86 -33.79 -17.06
C GLY D 166 0.62 -33.45 -18.48
N SER D 167 0.86 -34.30 -19.45
CA SER D 167 0.48 -33.98 -20.83
C SER D 167 -0.51 -34.99 -21.44
N LEU D 168 -0.71 -36.08 -20.64
CA LEU D 168 -1.46 -37.33 -20.88
C LEU D 168 -0.94 -38.05 -22.10
N ALA D 169 0.36 -38.29 -22.05
CA ALA D 169 1.14 -38.87 -23.12
C ALA D 169 0.80 -38.54 -24.58
N GLN D 170 0.33 -37.30 -24.86
CA GLN D 170 -0.05 -36.77 -26.19
C GLN D 170 1.09 -36.35 -27.14
N LEU D 171 0.78 -36.69 -28.38
CA LEU D 171 1.62 -36.60 -29.55
C LEU D 171 2.11 -35.24 -30.03
N ASP D 172 1.38 -34.16 -29.72
CA ASP D 172 1.78 -32.86 -30.23
C ASP D 172 3.06 -32.23 -29.65
N GLY D 173 3.06 -31.97 -28.35
CA GLY D 173 4.17 -31.36 -27.66
C GLY D 173 3.69 -30.90 -26.32
N HIS D 174 2.44 -30.41 -26.30
CA HIS D 174 1.73 -29.82 -25.16
C HIS D 174 1.94 -30.55 -23.86
N MET D 175 2.39 -29.72 -22.92
CA MET D 175 2.72 -30.11 -21.56
C MET D 175 1.70 -29.63 -20.51
N MET D 176 0.44 -29.58 -20.91
CA MET D 176 -0.73 -29.41 -20.05
C MET D 176 -1.79 -30.39 -20.58
N PRO D 177 -2.73 -30.94 -19.80
CA PRO D 177 -3.71 -31.94 -20.27
C PRO D 177 -4.79 -31.44 -21.26
N PRO D 178 -5.18 -32.22 -22.32
CA PRO D 178 -6.04 -31.80 -23.42
C PRO D 178 -7.42 -31.54 -22.88
N ARG D 179 -7.95 -30.36 -23.24
CA ARG D 179 -9.29 -29.95 -22.87
C ARG D 179 -10.11 -29.72 -24.14
N ASP D 180 -10.32 -30.93 -24.70
CA ASP D 180 -11.05 -31.20 -25.93
C ASP D 180 -11.24 -32.71 -26.08
N LYS D 181 -10.23 -33.42 -26.60
CA LYS D 181 -10.25 -34.87 -26.74
C LYS D 181 -8.86 -35.43 -26.50
N VAL D 182 -8.79 -36.76 -26.36
CA VAL D 182 -7.56 -37.46 -26.03
C VAL D 182 -7.33 -38.77 -26.82
N LEU D 183 -6.06 -39.06 -27.14
CA LEU D 183 -5.61 -40.25 -27.86
C LEU D 183 -4.92 -41.37 -27.05
N ILE D 184 -5.55 -42.56 -27.19
CA ILE D 184 -5.21 -43.79 -26.50
C ILE D 184 -4.41 -44.76 -27.36
N TYR D 185 -3.25 -45.12 -26.82
CA TYR D 185 -2.32 -45.94 -27.52
C TYR D 185 -2.72 -47.33 -27.17
N GLY D 186 -3.14 -47.88 -28.31
CA GLY D 186 -3.60 -49.26 -28.42
C GLY D 186 -5.00 -49.38 -27.88
N ASP D 187 -5.08 -49.93 -26.65
CA ASP D 187 -6.34 -49.92 -25.90
C ASP D 187 -6.22 -49.01 -24.67
N GLY D 188 -4.96 -48.79 -24.21
CA GLY D 188 -4.60 -47.88 -23.12
C GLY D 188 -4.58 -48.52 -21.76
N ASN D 189 -4.49 -49.85 -21.72
CA ASN D 189 -4.33 -50.58 -20.48
C ASN D 189 -3.34 -51.66 -20.78
N VAL D 190 -2.15 -51.14 -20.46
CA VAL D 190 -0.80 -51.68 -20.57
C VAL D 190 -0.05 -50.79 -19.56
N LYS D 191 0.49 -51.42 -18.51
CA LYS D 191 1.16 -50.69 -17.45
C LYS D 191 2.45 -49.96 -17.85
N GLY D 192 2.50 -48.77 -17.22
CA GLY D 192 3.61 -47.83 -17.31
C GLY D 192 3.84 -47.17 -15.95
N ILE D 193 5.05 -46.63 -15.65
CA ILE D 193 5.27 -45.96 -14.36
C ILE D 193 5.66 -44.48 -14.52
N TRP D 194 5.05 -43.66 -13.66
CA TRP D 194 5.07 -42.21 -13.72
C TRP D 194 5.61 -41.68 -12.38
N VAL D 195 6.73 -40.92 -12.38
CA VAL D 195 7.32 -40.38 -11.16
C VAL D 195 7.52 -38.84 -11.07
N ASP D 196 7.24 -38.25 -9.88
CA ASP D 196 7.43 -36.80 -9.65
C ASP D 196 8.93 -36.49 -9.60
N GLU D 197 9.32 -35.45 -10.33
CA GLU D 197 10.73 -35.21 -10.52
C GLU D 197 11.47 -34.85 -9.25
N ASP D 198 10.73 -34.24 -8.32
CA ASP D 198 11.33 -33.89 -7.07
C ASP D 198 11.35 -35.12 -6.19
N ASP D 199 10.67 -36.22 -6.57
CA ASP D 199 10.83 -37.52 -5.91
C ASP D 199 12.02 -38.19 -6.62
N VAL D 200 12.18 -38.19 -7.97
CA VAL D 200 13.38 -38.75 -8.61
C VAL D 200 14.70 -38.23 -8.05
N GLY D 201 14.80 -36.95 -7.67
CA GLY D 201 16.03 -36.42 -7.12
C GLY D 201 16.28 -36.94 -5.74
N THR D 202 15.25 -36.98 -4.88
CA THR D 202 15.27 -37.56 -3.52
C THR D 202 15.90 -38.95 -3.65
N TYR D 203 15.26 -39.93 -4.30
CA TYR D 203 15.80 -41.27 -4.51
C TYR D 203 17.20 -41.36 -5.04
N THR D 204 17.56 -40.44 -5.93
CA THR D 204 18.90 -40.38 -6.47
C THR D 204 19.84 -40.03 -5.31
N ILE D 205 19.52 -39.04 -4.46
CA ILE D 205 20.36 -38.65 -3.33
C ILE D 205 20.21 -39.61 -2.14
N LYS D 206 19.26 -40.56 -2.24
CA LYS D 206 19.12 -41.60 -1.23
C LYS D 206 19.89 -42.83 -1.67
N SER D 207 19.95 -43.14 -2.98
CA SER D 207 20.83 -44.18 -3.50
C SER D 207 22.34 -43.88 -3.48
N ILE D 208 22.69 -42.63 -3.83
CA ILE D 208 24.01 -41.99 -3.97
C ILE D 208 25.24 -42.76 -3.52
N ASP D 209 25.40 -42.93 -2.22
CA ASP D 209 26.41 -43.74 -1.59
C ASP D 209 25.56 -44.24 -0.44
N ASP D 210 25.39 -45.56 -0.58
CA ASP D 210 24.58 -46.47 0.23
C ASP D 210 25.07 -47.84 -0.21
N PRO D 211 25.37 -48.85 0.64
CA PRO D 211 25.84 -50.16 0.22
C PRO D 211 24.83 -51.09 -0.45
N GLN D 212 23.53 -50.88 -0.31
CA GLN D 212 22.52 -51.74 -0.95
C GLN D 212 22.29 -51.41 -2.42
N THR D 213 22.56 -50.15 -2.83
CA THR D 213 22.60 -49.70 -4.22
C THR D 213 24.11 -49.63 -4.41
N LEU D 214 24.79 -50.27 -5.36
CA LEU D 214 26.27 -50.30 -5.42
C LEU D 214 26.52 -51.14 -6.63
N ASN D 215 27.00 -50.55 -7.72
CA ASN D 215 27.15 -51.23 -9.01
C ASN D 215 25.86 -51.92 -9.49
N LYS D 216 24.72 -51.38 -9.04
CA LYS D 216 23.40 -51.90 -9.28
C LYS D 216 22.56 -50.91 -10.03
N THR D 217 21.65 -51.39 -10.89
CA THR D 217 20.62 -50.52 -11.43
C THR D 217 19.55 -50.54 -10.35
N MET D 218 18.97 -49.37 -10.12
CA MET D 218 17.95 -49.14 -9.13
C MET D 218 16.76 -48.64 -9.94
N TYR D 219 15.69 -49.41 -9.90
CA TYR D 219 14.46 -49.00 -10.55
C TYR D 219 13.56 -48.21 -9.61
N ILE D 220 12.94 -47.15 -10.10
CA ILE D 220 11.95 -46.50 -9.27
C ILE D 220 10.62 -47.03 -9.84
N ARG D 221 9.98 -47.93 -9.09
CA ARG D 221 8.73 -48.57 -9.46
C ARG D 221 7.81 -48.41 -8.24
N PRO D 222 7.13 -47.25 -8.08
CA PRO D 222 6.28 -46.97 -6.95
C PRO D 222 4.81 -47.37 -7.19
N PRO D 223 4.20 -48.14 -6.28
CA PRO D 223 2.98 -48.92 -6.55
C PRO D 223 1.77 -48.19 -7.11
N MET D 224 1.38 -47.04 -6.54
CA MET D 224 0.22 -46.27 -6.96
C MET D 224 0.50 -45.44 -8.22
N ASN D 225 1.79 -45.30 -8.57
CA ASN D 225 2.21 -44.67 -9.81
C ASN D 225 2.38 -45.70 -10.94
N ILE D 226 2.17 -46.99 -10.67
CA ILE D 226 2.14 -48.01 -11.70
C ILE D 226 0.66 -47.96 -12.13
N LEU D 227 0.45 -47.31 -13.28
CA LEU D 227 -0.85 -46.99 -13.88
C LEU D 227 -0.77 -47.04 -15.42
N SER D 228 -1.91 -47.13 -16.12
CA SER D 228 -1.93 -47.18 -17.60
C SER D 228 -2.32 -45.83 -18.16
N GLN D 229 -2.12 -45.56 -19.46
CA GLN D 229 -2.50 -44.27 -20.04
C GLN D 229 -3.90 -43.82 -19.60
N LYS D 230 -4.87 -44.73 -19.83
CA LYS D 230 -6.30 -44.56 -19.56
C LYS D 230 -6.64 -44.28 -18.14
N GLU D 231 -5.85 -44.83 -17.22
CA GLU D 231 -5.99 -44.55 -15.81
C GLU D 231 -5.58 -43.13 -15.47
N VAL D 232 -4.50 -42.62 -16.10
CA VAL D 232 -4.03 -41.27 -15.83
C VAL D 232 -5.06 -40.32 -16.39
N ILE D 233 -5.67 -40.71 -17.51
CA ILE D 233 -6.77 -39.96 -18.10
C ILE D 233 -7.99 -40.05 -17.17
N GLN D 234 -8.29 -41.15 -16.47
CA GLN D 234 -9.43 -41.23 -15.55
C GLN D 234 -9.24 -40.43 -14.29
N ILE D 235 -7.99 -40.39 -13.85
CA ILE D 235 -7.52 -39.61 -12.71
C ILE D 235 -7.77 -38.13 -12.93
N TRP D 236 -7.52 -37.67 -14.17
CA TRP D 236 -7.67 -36.28 -14.55
C TRP D 236 -9.11 -35.89 -14.91
N GLU D 237 -9.90 -36.61 -15.72
CA GLU D 237 -11.32 -36.33 -16.02
C GLU D 237 -12.12 -36.19 -14.73
N ARG D 238 -11.84 -37.12 -13.81
CA ARG D 238 -12.48 -37.12 -12.51
C ARG D 238 -11.64 -36.29 -11.55
N LEU D 239 -11.49 -34.98 -11.85
CA LEU D 239 -10.77 -33.92 -11.12
C LEU D 239 -11.15 -32.62 -11.81
N SER D 240 -10.85 -32.65 -13.10
CA SER D 240 -11.22 -31.65 -14.09
C SER D 240 -12.72 -31.59 -14.33
N GLU D 241 -13.45 -32.69 -14.03
CA GLU D 241 -14.89 -32.87 -14.21
C GLU D 241 -15.41 -32.91 -15.65
N GLN D 242 -14.52 -32.89 -16.64
CA GLN D 242 -14.98 -33.08 -17.99
C GLN D 242 -14.28 -34.32 -18.50
N ASN D 243 -15.22 -35.18 -18.87
CA ASN D 243 -15.02 -36.50 -19.44
C ASN D 243 -14.58 -36.37 -20.89
N LEU D 244 -13.49 -37.07 -21.18
CA LEU D 244 -12.83 -37.04 -22.48
C LEU D 244 -13.35 -37.98 -23.55
N ASP D 245 -13.11 -37.54 -24.79
CA ASP D 245 -13.47 -38.30 -25.94
C ASP D 245 -12.31 -38.96 -26.65
N LYS D 246 -12.29 -40.24 -26.30
CA LYS D 246 -11.33 -41.21 -26.79
C LYS D 246 -11.31 -41.46 -28.30
N ILE D 247 -10.08 -41.40 -28.76
CA ILE D 247 -9.63 -41.70 -30.09
C ILE D 247 -8.59 -42.73 -29.72
N TYR D 248 -8.72 -43.86 -30.38
CA TYR D 248 -7.86 -44.97 -30.06
C TYR D 248 -7.04 -45.20 -31.27
N ILE D 249 -7.77 -45.19 -32.40
CA ILE D 249 -7.38 -45.49 -33.79
C ILE D 249 -6.10 -46.28 -34.12
N SER D 250 -5.06 -45.98 -33.30
CA SER D 250 -3.69 -46.48 -33.32
C SER D 250 -3.35 -47.76 -32.60
N SER D 251 -2.72 -48.52 -33.49
CA SER D 251 -2.11 -49.83 -33.28
C SER D 251 -0.73 -49.78 -33.98
N GLN D 252 0.29 -50.61 -33.68
CA GLN D 252 1.65 -50.38 -34.19
C GLN D 252 1.91 -50.09 -35.71
N ASP D 253 0.84 -50.40 -36.46
CA ASP D 253 0.63 -50.15 -37.90
C ASP D 253 0.32 -48.65 -38.16
N PHE D 254 -0.68 -48.16 -37.41
CA PHE D 254 -0.90 -46.72 -37.34
C PHE D 254 0.36 -46.01 -36.79
N LEU D 255 1.19 -46.79 -36.09
CA LEU D 255 2.48 -46.17 -35.83
C LEU D 255 3.51 -46.41 -36.94
N ALA D 256 3.13 -47.11 -38.01
CA ALA D 256 3.84 -46.87 -39.29
C ALA D 256 3.45 -45.44 -39.78
N ASP D 257 2.16 -45.14 -39.53
CA ASP D 257 1.78 -43.72 -39.78
C ASP D 257 2.66 -42.75 -38.98
N MET D 258 3.08 -43.18 -37.77
CA MET D 258 4.20 -42.49 -37.10
C MET D 258 5.52 -42.47 -37.91
N LYS D 259 5.93 -43.65 -38.37
CA LYS D 259 7.20 -43.78 -39.13
C LYS D 259 7.30 -42.88 -40.37
N ASP D 260 6.19 -42.34 -40.95
CA ASP D 260 6.44 -41.23 -41.93
C ASP D 260 6.90 -39.89 -41.30
N LYS D 261 6.49 -39.51 -40.07
CA LYS D 261 6.87 -38.25 -39.39
C LYS D 261 8.33 -38.37 -38.99
N SER D 262 9.12 -37.68 -39.82
CA SER D 262 10.57 -37.79 -39.86
C SER D 262 11.57 -37.12 -38.89
N TYR D 263 12.73 -37.79 -38.98
CA TYR D 263 14.06 -37.54 -38.44
C TYR D 263 14.25 -37.81 -36.96
N GLU D 264 13.68 -37.01 -36.05
CA GLU D 264 13.87 -37.13 -34.61
C GLU D 264 12.58 -37.02 -33.81
N GLU D 265 11.50 -36.86 -34.60
CA GLU D 265 10.10 -36.97 -34.18
C GLU D 265 9.80 -38.47 -34.25
N LYS D 266 10.55 -39.16 -35.12
CA LYS D 266 10.55 -40.60 -35.21
C LYS D 266 11.16 -41.15 -33.92
N ILE D 267 12.10 -40.40 -33.30
CA ILE D 267 12.70 -40.76 -32.03
C ILE D 267 11.65 -40.76 -30.92
N VAL D 268 11.00 -39.63 -30.66
CA VAL D 268 10.07 -39.55 -29.53
C VAL D 268 8.93 -40.57 -29.49
N ARG D 269 8.53 -40.93 -30.70
CA ARG D 269 7.47 -41.90 -30.94
C ARG D 269 7.98 -43.29 -30.64
N CYS D 270 9.20 -43.67 -31.03
CA CYS D 270 9.74 -44.99 -30.69
C CYS D 270 9.85 -45.28 -29.21
N HIS D 271 10.00 -44.25 -28.39
CA HIS D 271 9.97 -44.32 -26.93
C HIS D 271 8.52 -44.32 -26.40
N LEU D 272 7.54 -43.78 -27.13
CA LEU D 272 6.11 -43.81 -26.77
C LEU D 272 5.55 -45.23 -27.02
N TYR D 273 6.09 -45.91 -28.03
CA TYR D 273 5.63 -47.22 -28.46
C TYR D 273 6.35 -48.42 -27.89
N GLN D 274 6.86 -48.23 -26.66
CA GLN D 274 7.63 -49.21 -25.90
C GLN D 274 7.26 -49.09 -24.45
N ILE D 275 6.70 -47.93 -24.14
CA ILE D 275 6.16 -47.63 -22.83
C ILE D 275 4.69 -47.98 -22.92
N PHE D 276 4.05 -47.46 -23.97
CA PHE D 276 2.63 -47.64 -24.09
C PHE D 276 2.29 -48.80 -25.02
N PHE D 277 3.23 -49.30 -25.82
CA PHE D 277 2.87 -50.50 -26.54
C PHE D 277 3.51 -51.75 -26.01
N ARG D 278 4.85 -51.99 -26.05
CA ARG D 278 5.44 -53.21 -25.44
C ARG D 278 5.38 -53.23 -23.91
N GLY D 279 5.27 -52.04 -23.30
CA GLY D 279 5.10 -51.88 -21.85
C GLY D 279 6.36 -52.00 -21.03
N ASP D 280 7.52 -51.75 -21.69
CA ASP D 280 8.89 -51.85 -21.17
C ASP D 280 9.34 -51.07 -19.92
N LEU D 281 8.32 -50.66 -19.22
CA LEU D 281 8.34 -49.92 -18.00
C LEU D 281 7.88 -50.86 -16.93
N TYR D 282 7.24 -51.95 -17.37
CA TYR D 282 6.73 -52.96 -16.48
C TYR D 282 6.78 -54.42 -16.93
N ASN D 283 7.20 -54.72 -18.17
CA ASN D 283 7.28 -56.09 -18.68
C ASN D 283 8.49 -56.94 -18.27
N PHE D 284 8.90 -56.77 -17.01
CA PHE D 284 10.08 -57.43 -16.49
C PHE D 284 10.09 -57.63 -14.97
N GLU D 285 11.16 -58.32 -14.57
CA GLU D 285 11.50 -58.63 -13.19
C GLU D 285 12.82 -57.93 -12.96
N ILE D 286 12.87 -57.11 -11.91
CA ILE D 286 14.08 -56.40 -11.52
C ILE D 286 15.10 -57.52 -11.29
N GLY D 287 16.24 -57.38 -11.94
CA GLY D 287 17.29 -58.39 -11.84
C GLY D 287 17.73 -58.76 -10.42
N PRO D 288 18.64 -59.74 -10.35
CA PRO D 288 19.54 -59.99 -9.21
C PRO D 288 20.52 -58.89 -8.81
N ASN D 289 20.84 -58.01 -9.75
CA ASN D 289 21.71 -56.86 -9.48
C ASN D 289 20.84 -55.63 -9.27
N ALA D 290 19.69 -55.59 -9.92
CA ALA D 290 18.75 -54.53 -9.72
C ALA D 290 18.01 -54.55 -8.37
N ILE D 291 17.64 -53.36 -7.85
CA ILE D 291 16.78 -53.18 -6.68
C ILE D 291 15.64 -52.25 -7.11
N GLU D 292 14.85 -51.82 -6.10
CA GLU D 292 13.70 -50.97 -6.28
C GLU D 292 13.75 -49.94 -5.16
N ALA D 293 13.60 -48.69 -5.57
CA ALA D 293 13.80 -47.55 -4.70
C ALA D 293 12.71 -47.19 -3.71
N THR D 294 11.44 -47.43 -4.09
CA THR D 294 10.28 -47.28 -3.22
C THR D 294 10.25 -48.38 -2.17
N LYS D 295 10.90 -49.53 -2.42
CA LYS D 295 11.02 -50.58 -1.43
C LYS D 295 12.20 -50.20 -0.56
N LEU D 296 13.39 -50.12 -1.17
CA LEU D 296 14.67 -49.84 -0.51
C LEU D 296 14.53 -48.71 0.50
N TYR D 297 14.09 -47.57 -0.07
CA TYR D 297 13.83 -46.32 0.63
C TYR D 297 12.35 -46.29 0.82
N PRO D 298 11.86 -46.63 2.02
CA PRO D 298 10.45 -46.68 2.30
C PRO D 298 9.87 -45.41 2.88
N GLU D 299 10.73 -44.64 3.58
CA GLU D 299 10.39 -43.40 4.25
C GLU D 299 9.91 -42.27 3.37
N VAL D 300 10.31 -42.32 2.11
CA VAL D 300 9.86 -41.41 1.07
C VAL D 300 8.34 -41.27 0.92
N LYS D 301 7.79 -40.11 1.26
CA LYS D 301 6.38 -39.85 0.94
C LYS D 301 6.33 -39.50 -0.55
N TYR D 302 6.30 -40.50 -1.46
CA TYR D 302 6.25 -40.15 -2.87
C TYR D 302 4.84 -39.71 -3.28
N VAL D 303 4.69 -39.09 -4.45
CA VAL D 303 3.37 -38.63 -4.82
C VAL D 303 2.79 -39.35 -6.04
N THR D 304 1.53 -39.52 -5.70
CA THR D 304 0.52 -40.19 -6.49
C THR D 304 0.27 -39.40 -7.75
N MET D 305 -0.30 -40.03 -8.77
CA MET D 305 -0.56 -39.29 -9.98
C MET D 305 -1.86 -38.54 -10.02
N ASP D 306 -2.52 -38.45 -8.88
CA ASP D 306 -3.75 -37.68 -8.80
C ASP D 306 -3.57 -36.55 -7.81
N SER D 307 -2.48 -36.65 -7.03
CA SER D 307 -1.98 -35.53 -6.23
C SER D 307 -1.16 -34.63 -7.14
N TYR D 308 -0.57 -35.24 -8.18
CA TYR D 308 0.19 -34.55 -9.21
C TYR D 308 -0.70 -33.81 -10.21
N LEU D 309 -1.65 -34.53 -10.77
CA LEU D 309 -2.55 -33.95 -11.74
C LEU D 309 -3.57 -33.01 -11.12
N GLU D 310 -3.60 -33.08 -9.78
CA GLU D 310 -4.33 -32.17 -8.92
C GLU D 310 -4.00 -30.74 -9.32
N ARG D 311 -2.71 -30.41 -9.20
CA ARG D 311 -2.15 -29.13 -9.63
C ARG D 311 -1.56 -29.40 -11.00
N TYR D 312 -2.52 -29.40 -11.96
CA TYR D 312 -2.35 -29.59 -13.41
C TYR D 312 -3.71 -29.50 -14.07
N VAL D 313 -4.46 -28.54 -13.51
CA VAL D 313 -5.83 -28.25 -13.90
C VAL D 313 -6.03 -27.27 -15.06
#